data_4R58
#
_entry.id   4R58
#
_cell.length_a   57.583
_cell.length_b   145.006
_cell.length_c   57.700
_cell.angle_alpha   90.00
_cell.angle_beta   115.35
_cell.angle_gamma   90.00
#
_symmetry.space_group_name_H-M   'P 1 21 1'
#
loop_
_entity.id
_entity.type
_entity.pdbx_description
1 polymer 'Leucine Rich Repeat protein'
2 water water
#
_entity_poly.entity_id   1
_entity_poly.type   'polypeptide(L)'
_entity_poly.pdbx_seq_one_letter_code
;ETITVSTPIKQIFPDDAFAETIKANLKKKSVTDAVTQNELNSIDQIIANNSDIKSVQGIQYLPNLKTLKLSNNKITDISA
LKQLNNLGWLDLSNNGITDISALKNLASLHTLDLSNNGITDISALKNLDNLHTLDLSNNGITDISALKNLDNLHTLDLSN
NGITDISALKNLTSLHTLDLSNNGITDISALKNLDNLETLDLRNNGITDKSALKNLNNLK
;
_entity_poly.pdbx_strand_id   A,B,C,D
#
# COMPACT_ATOMS: atom_id res chain seq x y z
N GLU A 1 -3.99 23.29 3.89
CA GLU A 1 -2.58 22.87 4.17
C GLU A 1 -1.83 22.35 2.95
N THR A 2 -0.93 23.18 2.38
CA THR A 2 -0.13 22.82 1.20
C THR A 2 1.33 23.21 1.34
N ILE A 3 2.23 22.49 0.68
CA ILE A 3 3.58 23.04 0.45
C ILE A 3 3.64 23.80 -0.88
N THR A 4 4.45 24.85 -0.93
CA THR A 4 4.50 25.72 -2.10
C THR A 4 5.84 25.71 -2.83
N VAL A 5 6.81 25.01 -2.22
CA VAL A 5 8.16 24.87 -2.73
C VAL A 5 8.41 23.38 -2.75
N SER A 6 9.13 22.89 -3.73
CA SER A 6 9.49 21.51 -3.77
C SER A 6 10.41 21.29 -2.54
N THR A 7 10.11 20.24 -1.74
CA THR A 7 10.67 20.09 -0.39
C THR A 7 11.08 18.63 -0.15
N PRO A 8 12.28 18.41 0.44
CA PRO A 8 12.63 17.04 0.78
C PRO A 8 11.56 16.36 1.62
N ILE A 9 11.30 15.12 1.31
CA ILE A 9 10.30 14.31 2.03
C ILE A 9 10.56 14.24 3.52
N LYS A 10 11.82 14.03 3.86
CA LYS A 10 12.26 13.94 5.23
C LYS A 10 12.05 15.25 6.02
N GLN A 11 12.01 16.37 5.33
CA GLN A 11 11.72 17.64 5.99
C GLN A 11 10.20 17.79 6.29
N ILE A 12 9.34 17.28 5.41
CA ILE A 12 7.89 17.37 5.62
C ILE A 12 7.48 16.29 6.63
N PHE A 13 8.08 15.10 6.46
CA PHE A 13 7.72 13.92 7.22
C PHE A 13 8.93 13.54 8.08
N PRO A 14 9.08 14.11 9.30
CA PRO A 14 10.38 13.90 10.02
C PRO A 14 10.62 12.49 10.60
N ASP A 15 9.60 11.68 10.71
CA ASP A 15 9.78 10.34 11.24
C ASP A 15 10.52 9.47 10.23
N ASP A 16 11.59 8.82 10.66
CA ASP A 16 12.36 7.98 9.76
C ASP A 16 11.49 7.00 8.96
N ALA A 17 10.71 6.20 9.69
CA ALA A 17 9.90 5.16 9.02
C ALA A 17 8.77 5.75 8.17
N PHE A 18 8.11 6.79 8.65
CA PHE A 18 7.00 7.33 7.90
C PHE A 18 7.52 7.99 6.64
N ALA A 19 8.65 8.66 6.73
CA ALA A 19 9.26 9.16 5.50
C ALA A 19 9.59 8.08 4.48
N GLU A 20 10.10 6.94 4.93
CA GLU A 20 10.32 5.80 3.99
C GLU A 20 9.03 5.35 3.30
N THR A 21 7.91 5.37 4.02
CA THR A 21 6.64 4.99 3.45
C THR A 21 6.16 5.92 2.37
N ILE A 22 6.31 7.20 2.62
CA ILE A 22 5.94 8.17 1.66
C ILE A 22 6.84 8.03 0.44
N LYS A 23 8.13 7.89 0.67
CA LYS A 23 9.09 7.70 -0.41
C LYS A 23 8.69 6.53 -1.31
N ALA A 24 8.38 5.38 -0.69
CA ALA A 24 7.89 4.19 -1.43
C ALA A 24 6.55 4.41 -2.15
N ASN A 25 5.60 5.10 -1.51
CA ASN A 25 4.31 5.43 -2.16
C ASN A 25 4.49 6.22 -3.43
N LEU A 26 5.43 7.17 -3.40
CA LEU A 26 5.68 8.10 -4.51
C LEU A 26 6.76 7.60 -5.47
N LYS A 27 7.31 6.42 -5.17
CA LYS A 27 8.37 5.81 -5.97
C LYS A 27 9.53 6.72 -6.13
N LYS A 28 9.95 7.35 -5.06
CA LYS A 28 11.15 8.14 -5.07
C LYS A 28 12.36 7.34 -4.64
N LYS A 29 13.55 7.80 -5.03
CA LYS A 29 14.78 7.10 -4.75
C LYS A 29 15.30 7.24 -3.32
N SER A 30 14.95 8.30 -2.61
CA SER A 30 15.49 8.55 -1.28
C SER A 30 14.56 9.49 -0.48
N VAL A 31 14.60 9.39 0.86
CA VAL A 31 13.83 10.31 1.68
C VAL A 31 14.32 11.77 1.58
N THR A 32 15.52 11.99 1.05
CA THR A 32 16.01 13.35 0.80
C THR A 32 15.52 13.93 -0.55
N ASP A 33 14.88 13.12 -1.41
CA ASP A 33 14.35 13.66 -2.69
C ASP A 33 13.21 14.64 -2.43
N ALA A 34 13.17 15.65 -3.26
CA ALA A 34 12.23 16.76 -3.12
C ALA A 34 10.92 16.32 -3.72
N VAL A 35 9.80 16.67 -3.10
CA VAL A 35 8.45 16.40 -3.64
C VAL A 35 7.57 17.65 -3.66
N THR A 36 6.56 17.62 -4.53
CA THR A 36 5.69 18.76 -4.82
C THR A 36 4.35 18.43 -4.21
N GLN A 37 3.52 19.44 -3.98
CA GLN A 37 2.15 19.25 -3.47
C GLN A 37 1.33 18.39 -4.42
N ASN A 38 1.51 18.65 -5.69
CA ASN A 38 0.91 17.85 -6.70
C ASN A 38 1.13 16.34 -6.51
N GLU A 39 2.39 15.98 -6.26
CA GLU A 39 2.75 14.61 -5.95
C GLU A 39 2.07 14.14 -4.71
N LEU A 40 2.05 14.96 -3.68
CA LEU A 40 1.37 14.58 -2.43
C LEU A 40 -0.14 14.40 -2.61
N ASN A 41 -0.74 15.17 -3.51
CA ASN A 41 -2.14 15.02 -3.84
C ASN A 41 -2.46 13.66 -4.40
N SER A 42 -1.47 12.95 -4.92
CA SER A 42 -1.73 11.67 -5.57
C SER A 42 -1.92 10.56 -4.55
N ILE A 43 -1.60 10.77 -3.28
CA ILE A 43 -1.57 9.66 -2.35
C ILE A 43 -2.95 9.41 -1.76
N ASP A 44 -3.53 8.24 -1.98
CA ASP A 44 -4.83 7.99 -1.44
C ASP A 44 -4.87 6.84 -0.46
N GLN A 45 -3.77 6.12 -0.28
CA GLN A 45 -3.80 4.94 0.53
C GLN A 45 -2.41 4.71 1.09
N ILE A 46 -2.32 4.61 2.41
CA ILE A 46 -1.04 4.30 3.08
C ILE A 46 -1.22 3.12 3.96
N ILE A 47 -0.41 2.08 3.75
CA ILE A 47 -0.42 0.92 4.61
C ILE A 47 0.99 0.72 5.17
N ALA A 48 1.14 0.91 6.48
CA ALA A 48 2.44 0.77 7.11
C ALA A 48 2.27 0.27 8.53
N ASN A 49 1.90 -1.00 8.63
CA ASN A 49 1.71 -1.65 9.89
C ASN A 49 3.05 -2.15 10.39
N ASN A 50 3.18 -2.33 11.70
CA ASN A 50 4.34 -2.96 12.25
C ASN A 50 5.64 -2.29 11.89
N SER A 51 5.68 -0.96 11.84
CA SER A 51 6.81 -0.24 11.25
C SER A 51 7.57 0.73 12.15
N ASP A 52 7.38 0.71 13.47
CA ASP A 52 8.06 1.67 14.33
C ASP A 52 7.85 3.13 14.04
N ILE A 53 6.72 3.50 13.50
CA ILE A 53 6.43 4.90 13.26
C ILE A 53 6.11 5.62 14.55
N LYS A 54 6.83 6.70 14.83
CA LYS A 54 6.59 7.50 16.04
C LYS A 54 5.75 8.79 15.82
N SER A 55 5.64 9.25 14.58
CA SER A 55 4.95 10.51 14.31
C SER A 55 4.45 10.50 12.89
N VAL A 56 3.22 10.96 12.71
CA VAL A 56 2.63 11.16 11.40
C VAL A 56 2.69 12.60 10.91
N GLN A 57 3.53 13.40 11.54
CA GLN A 57 3.72 14.80 11.12
C GLN A 57 4.02 14.80 9.66
N GLY A 58 3.27 15.63 8.95
CA GLY A 58 3.39 15.75 7.49
C GLY A 58 2.14 15.21 6.78
N ILE A 59 1.42 14.33 7.42
CA ILE A 59 0.27 13.71 6.82
C ILE A 59 -0.82 14.70 6.52
N GLN A 60 -0.80 15.84 7.18
CA GLN A 60 -1.79 16.91 6.91
C GLN A 60 -1.76 17.44 5.49
N TYR A 61 -0.69 17.14 4.79
CA TYR A 61 -0.55 17.59 3.42
C TYR A 61 -1.06 16.57 2.39
N LEU A 62 -1.81 15.56 2.84
CA LEU A 62 -2.31 14.54 1.94
C LEU A 62 -3.83 14.59 1.87
N PRO A 63 -4.39 15.58 1.14
CA PRO A 63 -5.84 15.80 1.24
C PRO A 63 -6.68 14.66 0.67
N ASN A 64 -6.13 13.87 -0.23
CA ASN A 64 -6.94 12.81 -0.82
C ASN A 64 -6.80 11.47 -0.11
N LEU A 65 -6.20 11.46 1.08
CA LEU A 65 -5.95 10.22 1.78
C LEU A 65 -7.32 9.65 2.21
N LYS A 66 -7.55 8.39 1.82
CA LYS A 66 -8.83 7.69 2.01
C LYS A 66 -8.67 6.51 2.96
N THR A 67 -7.54 5.84 2.87
CA THR A 67 -7.30 4.63 3.63
C THR A 67 -5.94 4.76 4.31
N LEU A 68 -5.93 4.61 5.62
CA LEU A 68 -4.72 4.76 6.42
C LEU A 68 -4.69 3.63 7.44
N LYS A 69 -3.73 2.72 7.28
CA LYS A 69 -3.58 1.64 8.21
C LYS A 69 -2.17 1.66 8.83
N LEU A 70 -2.14 1.90 10.14
CA LEU A 70 -0.91 2.13 10.89
C LEU A 70 -0.96 1.35 12.18
N SER A 71 -1.36 0.09 12.08
CA SER A 71 -1.43 -0.76 13.24
C SER A 71 -0.06 -1.12 13.73
N ASN A 72 0.12 -1.09 15.05
CA ASN A 72 1.32 -1.57 15.73
C ASN A 72 2.53 -0.74 15.38
N ASN A 73 2.45 0.53 15.71
CA ASN A 73 3.55 1.50 15.65
C ASN A 73 3.66 2.17 17.03
N LYS A 74 4.22 3.39 17.13
CA LYS A 74 4.38 4.09 18.42
C LYS A 74 3.80 5.50 18.38
N ILE A 75 2.62 5.62 17.73
CA ILE A 75 1.95 6.90 17.51
C ILE A 75 1.18 7.34 18.74
N THR A 76 1.44 8.57 19.15
CA THR A 76 0.85 9.19 20.31
C THR A 76 0.02 10.41 19.98
N ASP A 77 0.33 11.13 18.92
CA ASP A 77 -0.34 12.41 18.65
C ASP A 77 -0.88 12.29 17.27
N ILE A 78 -2.18 12.46 17.09
CA ILE A 78 -2.78 12.35 15.77
C ILE A 78 -3.43 13.66 15.31
N SER A 79 -3.04 14.77 15.90
CA SER A 79 -3.68 16.02 15.60
C SER A 79 -3.52 16.38 14.12
N ALA A 80 -2.50 15.86 13.46
CA ALA A 80 -2.30 16.16 12.07
C ALA A 80 -3.33 15.48 11.14
N LEU A 81 -4.17 14.58 11.64
CA LEU A 81 -5.28 14.00 10.87
C LEU A 81 -6.51 14.88 10.81
N LYS A 82 -6.49 15.95 11.58
CA LYS A 82 -7.64 16.82 11.85
C LYS A 82 -8.48 17.28 10.65
N GLN A 83 -7.81 17.61 9.55
CA GLN A 83 -8.50 18.18 8.38
C GLN A 83 -8.50 17.26 7.21
N LEU A 84 -8.23 15.98 7.42
CA LEU A 84 -8.31 15.01 6.34
C LEU A 84 -9.73 14.52 6.13
N ASN A 85 -10.49 15.32 5.40
CA ASN A 85 -11.91 15.13 5.24
C ASN A 85 -12.30 13.89 4.50
N ASN A 86 -11.37 13.26 3.76
CA ASN A 86 -11.73 12.14 2.92
C ASN A 86 -11.36 10.77 3.48
N LEU A 87 -10.87 10.73 4.70
CA LEU A 87 -10.57 9.45 5.34
C LEU A 87 -11.79 8.62 5.53
N GLY A 88 -11.74 7.38 5.06
CA GLY A 88 -12.84 6.40 5.17
C GLY A 88 -12.51 5.21 6.06
N TRP A 89 -11.26 4.73 5.97
CA TRP A 89 -10.82 3.58 6.71
C TRP A 89 -9.59 4.03 7.49
N LEU A 90 -9.67 4.00 8.81
CA LEU A 90 -8.55 4.39 9.68
C LEU A 90 -8.28 3.29 10.69
N ASP A 91 -7.08 2.70 10.66
CA ASP A 91 -6.68 1.70 11.64
C ASP A 91 -5.44 2.17 12.36
N LEU A 92 -5.62 2.50 13.62
CA LEU A 92 -4.56 3.05 14.47
C LEU A 92 -4.41 2.17 15.65
N SER A 93 -4.87 0.91 15.52
CA SER A 93 -4.80 -0.01 16.63
C SER A 93 -3.34 -0.28 17.07
N ASN A 94 -3.15 -0.69 18.33
CA ASN A 94 -1.82 -0.99 18.90
C ASN A 94 -0.84 0.17 18.81
N ASN A 95 -1.24 1.33 19.30
CA ASN A 95 -0.34 2.48 19.35
C ASN A 95 -0.35 3.00 20.80
N GLY A 96 -0.03 4.28 21.03
CA GLY A 96 -0.16 4.91 22.35
C GLY A 96 -1.07 6.16 22.32
N ILE A 97 -2.18 6.04 21.60
CA ILE A 97 -3.07 7.16 21.43
C ILE A 97 -3.94 7.35 22.67
N THR A 98 -4.04 8.59 23.17
CA THR A 98 -4.91 8.94 24.28
C THR A 98 -6.04 9.90 23.82
N ASP A 99 -5.68 11.10 23.40
CA ASP A 99 -6.62 12.10 22.88
C ASP A 99 -7.02 11.75 21.43
N ILE A 100 -8.32 11.64 21.15
CA ILE A 100 -8.79 11.47 19.78
C ILE A 100 -9.68 12.62 19.25
N SER A 101 -9.58 13.81 19.83
CA SER A 101 -10.39 14.93 19.34
C SER A 101 -10.09 15.30 17.89
N ALA A 102 -8.92 14.97 17.41
CA ALA A 102 -8.62 15.16 16.04
C ALA A 102 -9.57 14.43 15.07
N LEU A 103 -10.25 13.38 15.51
CA LEU A 103 -11.15 12.63 14.66
C LEU A 103 -12.52 13.29 14.50
N LYS A 104 -12.75 14.37 15.24
CA LYS A 104 -14.07 14.92 15.43
C LYS A 104 -14.88 15.25 14.15
N ASN A 105 -14.20 15.77 13.12
CA ASN A 105 -14.86 16.21 11.88
C ASN A 105 -14.61 15.29 10.67
N LEU A 106 -14.15 14.09 10.91
CA LEU A 106 -13.88 13.19 9.84
C LEU A 106 -15.14 12.46 9.37
N ALA A 107 -16.05 13.21 8.80
CA ALA A 107 -17.40 12.79 8.45
C ALA A 107 -17.47 11.64 7.45
N SER A 108 -16.41 11.42 6.68
CA SER A 108 -16.48 10.28 5.80
C SER A 108 -16.02 8.98 6.47
N LEU A 109 -15.56 8.94 7.73
CA LEU A 109 -15.09 7.68 8.34
C LEU A 109 -16.15 6.61 8.44
N HIS A 110 -15.83 5.43 7.93
CA HIS A 110 -16.81 4.35 7.93
C HIS A 110 -16.30 3.15 8.68
N THR A 111 -14.97 3.02 8.77
CA THR A 111 -14.35 1.89 9.42
C THR A 111 -13.22 2.45 10.28
N LEU A 112 -13.27 2.18 11.58
CA LEU A 112 -12.34 2.80 12.53
C LEU A 112 -11.90 1.75 13.51
N ASP A 113 -10.59 1.54 13.59
CA ASP A 113 -10.01 0.59 14.57
C ASP A 113 -9.04 1.34 15.42
N LEU A 114 -9.42 1.51 16.66
CA LEU A 114 -8.64 2.22 17.64
C LEU A 114 -8.31 1.28 18.78
N SER A 115 -8.38 -0.03 18.56
CA SER A 115 -8.16 -0.97 19.66
C SER A 115 -6.71 -0.95 20.17
N ASN A 116 -6.55 -1.36 21.43
CA ASN A 116 -5.26 -1.41 22.11
C ASN A 116 -4.48 -0.04 22.10
N ASN A 117 -5.09 0.98 22.67
CA ASN A 117 -4.48 2.28 22.89
C ASN A 117 -4.76 2.68 24.36
N GLY A 118 -4.73 3.97 24.67
CA GLY A 118 -5.01 4.48 26.04
C GLY A 118 -6.15 5.49 26.04
N ILE A 119 -7.17 5.19 25.26
CA ILE A 119 -8.29 6.12 25.08
C ILE A 119 -9.26 6.05 26.26
N THR A 120 -9.68 7.20 26.77
CA THR A 120 -10.68 7.31 27.83
C THR A 120 -11.94 8.06 27.36
N ASP A 121 -11.79 9.29 26.90
CA ASP A 121 -12.90 10.10 26.41
C ASP A 121 -13.13 9.80 24.93
N ILE A 122 -14.32 9.41 24.55
CA ILE A 122 -14.65 9.18 23.16
C ILE A 122 -15.67 10.15 22.59
N SER A 123 -15.91 11.28 23.25
CA SER A 123 -16.98 12.20 22.74
C SER A 123 -16.69 12.78 21.35
N ALA A 124 -15.44 12.73 20.93
CA ALA A 124 -15.09 13.09 19.59
C ALA A 124 -15.73 12.17 18.50
N LEU A 125 -16.24 11.00 18.88
CA LEU A 125 -16.86 10.12 17.94
C LEU A 125 -18.31 10.49 17.67
N LYS A 126 -18.87 11.39 18.46
CA LYS A 126 -20.34 11.55 18.50
C LYS A 126 -21.01 11.90 17.18
N ASN A 127 -20.34 12.60 16.28
CA ASN A 127 -20.99 12.99 15.00
C ASN A 127 -20.47 12.26 13.79
N LEU A 128 -19.78 11.14 13.99
CA LEU A 128 -19.27 10.32 12.87
C LEU A 128 -20.34 9.36 12.37
N ASP A 129 -21.36 9.95 11.74
CA ASP A 129 -22.57 9.28 11.26
C ASP A 129 -22.33 8.12 10.30
N ASN A 130 -21.26 8.17 9.50
CA ASN A 130 -20.99 7.09 8.56
C ASN A 130 -20.31 5.87 9.13
N LEU A 131 -19.97 5.83 10.42
CA LEU A 131 -19.35 4.65 10.98
C LEU A 131 -20.27 3.44 10.93
N HIS A 132 -19.83 2.38 10.26
CA HIS A 132 -20.51 1.10 10.34
C HIS A 132 -19.70 0.06 11.10
N THR A 133 -18.39 0.22 11.21
CA THR A 133 -17.53 -0.78 11.79
C THR A 133 -16.56 -0.04 12.74
N LEU A 134 -16.63 -0.37 14.02
CA LEU A 134 -15.90 0.37 15.07
C LEU A 134 -15.32 -0.59 16.10
N ASP A 135 -14.02 -0.51 16.32
CA ASP A 135 -13.34 -1.38 17.28
C ASP A 135 -12.62 -0.49 18.26
N LEU A 136 -13.08 -0.53 19.51
CA LEU A 136 -12.58 0.33 20.57
C LEU A 136 -12.02 -0.50 21.73
N SER A 137 -11.71 -1.78 21.45
CA SER A 137 -11.36 -2.69 22.51
C SER A 137 -10.02 -2.34 23.13
N ASN A 138 -9.81 -2.82 24.35
CA ASN A 138 -8.55 -2.64 25.07
C ASN A 138 -8.14 -1.17 25.18
N ASN A 139 -9.04 -0.39 25.78
CA ASN A 139 -8.78 0.99 26.11
C ASN A 139 -9.20 1.23 27.57
N GLY A 140 -9.43 2.47 27.96
CA GLY A 140 -9.92 2.78 29.31
C GLY A 140 -11.25 3.54 29.25
N ILE A 141 -12.14 3.07 28.37
CA ILE A 141 -13.40 3.73 28.12
C ILE A 141 -14.38 3.40 29.24
N THR A 142 -15.04 4.42 29.76
CA THR A 142 -16.11 4.18 30.73
C THR A 142 -17.45 4.71 30.27
N ASP A 143 -17.49 5.91 29.69
CA ASP A 143 -18.73 6.49 29.22
C ASP A 143 -18.84 6.21 27.73
N ILE A 144 -19.94 5.59 27.30
CA ILE A 144 -20.17 5.39 25.88
C ILE A 144 -21.36 6.14 25.29
N SER A 145 -21.81 7.21 25.94
CA SER A 145 -22.97 7.95 25.46
C SER A 145 -22.72 8.66 24.11
N ALA A 146 -21.45 8.86 23.77
CA ALA A 146 -21.11 9.34 22.45
C ALA A 146 -21.55 8.39 21.32
N LEU A 147 -21.82 7.12 21.62
CA LEU A 147 -22.18 6.22 20.58
C LEU A 147 -23.63 6.29 20.16
N LYS A 148 -24.45 7.02 20.90
CA LYS A 148 -25.87 6.78 20.87
C LYS A 148 -26.59 7.15 19.58
N ASN A 149 -26.00 8.05 18.78
CA ASN A 149 -26.58 8.43 17.50
C ASN A 149 -25.82 7.89 16.31
N LEU A 150 -24.94 6.92 16.54
CA LEU A 150 -24.23 6.25 15.45
C LEU A 150 -25.02 5.07 14.96
N ASP A 151 -26.17 5.35 14.36
CA ASP A 151 -27.08 4.26 14.05
C ASP A 151 -26.81 3.55 12.73
N ASN A 152 -25.73 3.89 12.04
CA ASN A 152 -25.22 3.06 11.00
C ASN A 152 -24.22 2.00 11.50
N LEU A 153 -23.95 1.95 12.80
CA LEU A 153 -23.10 0.89 13.33
C LEU A 153 -23.71 -0.49 13.13
N HIS A 154 -22.94 -1.37 12.48
CA HIS A 154 -23.31 -2.74 12.38
C HIS A 154 -22.34 -3.70 13.13
N THR A 155 -21.10 -3.29 13.30
CA THR A 155 -20.08 -4.12 13.90
C THR A 155 -19.38 -3.25 14.96
N LEU A 156 -19.53 -3.63 16.24
CA LEU A 156 -18.98 -2.82 17.35
C LEU A 156 -18.26 -3.71 18.36
N ASP A 157 -17.02 -3.38 18.69
CA ASP A 157 -16.25 -4.15 19.66
C ASP A 157 -15.84 -3.19 20.76
N LEU A 158 -16.34 -3.45 21.95
CA LEU A 158 -16.08 -2.60 23.09
C LEU A 158 -15.44 -3.41 24.20
N SER A 159 -14.94 -4.58 23.89
CA SER A 159 -14.38 -5.44 24.89
C SER A 159 -13.18 -4.81 25.59
N ASN A 160 -12.95 -5.27 26.82
CA ASN A 160 -11.80 -4.89 27.64
C ASN A 160 -11.69 -3.39 27.92
N ASN A 161 -12.73 -2.83 28.53
CA ASN A 161 -12.74 -1.43 28.92
C ASN A 161 -13.23 -1.37 30.35
N GLY A 162 -13.82 -0.24 30.77
CA GLY A 162 -14.43 -0.13 32.09
C GLY A 162 -15.89 0.31 32.01
N ILE A 163 -16.60 -0.24 31.02
CA ILE A 163 -17.95 0.17 30.73
C ILE A 163 -18.93 -0.46 31.73
N THR A 164 -19.77 0.38 32.32
CA THR A 164 -20.81 -0.07 33.23
C THR A 164 -22.22 0.14 32.69
N ASP A 165 -22.44 1.13 31.84
CA ASP A 165 -23.76 1.47 31.39
C ASP A 165 -23.80 1.42 29.89
N ILE A 166 -24.74 0.64 29.35
CA ILE A 166 -24.85 0.46 27.90
C ILE A 166 -26.17 0.92 27.30
N SER A 167 -26.95 1.72 28.04
CA SER A 167 -28.21 2.26 27.49
C SER A 167 -27.95 3.05 26.20
N ALA A 168 -26.76 3.61 26.03
CA ALA A 168 -26.37 4.24 24.80
C ALA A 168 -26.51 3.34 23.54
N LEU A 169 -26.54 2.03 23.70
CA LEU A 169 -26.67 1.11 22.57
C LEU A 169 -28.10 0.84 22.17
N LYS A 170 -29.06 1.30 22.96
CA LYS A 170 -30.44 0.79 22.82
C LYS A 170 -31.12 1.01 21.48
N ASN A 171 -30.72 2.05 20.77
CA ASN A 171 -31.34 2.37 19.49
C ASN A 171 -30.41 2.09 18.30
N LEU A 172 -29.33 1.32 18.52
CA LEU A 172 -28.42 0.93 17.43
C LEU A 172 -28.93 -0.37 16.78
N THR A 173 -30.14 -0.30 16.24
CA THR A 173 -30.86 -1.46 15.76
C THR A 173 -30.22 -2.12 14.53
N SER A 174 -29.23 -1.48 13.89
CA SER A 174 -28.54 -2.17 12.80
C SER A 174 -27.36 -3.04 13.29
N LEU A 175 -27.08 -3.07 14.58
CA LEU A 175 -25.99 -3.91 15.09
C LEU A 175 -26.23 -5.41 14.83
N HIS A 176 -25.29 -6.08 14.16
CA HIS A 176 -25.33 -7.54 14.07
C HIS A 176 -24.15 -8.23 14.78
N THR A 177 -23.10 -7.48 15.10
CA THR A 177 -21.90 -8.05 15.70
C THR A 177 -21.50 -7.13 16.84
N LEU A 178 -21.56 -7.64 18.07
CA LEU A 178 -21.29 -6.82 19.26
C LEU A 178 -20.44 -7.59 20.26
N ASP A 179 -19.31 -7.04 20.66
CA ASP A 179 -18.48 -7.65 21.70
C ASP A 179 -18.41 -6.69 22.89
N LEU A 180 -18.96 -7.15 24.01
CA LEU A 180 -18.98 -6.37 25.25
C LEU A 180 -18.20 -7.05 26.35
N SER A 181 -17.46 -8.09 26.01
CA SER A 181 -16.76 -8.88 27.03
C SER A 181 -15.73 -8.08 27.83
N ASN A 182 -15.48 -8.51 29.06
CA ASN A 182 -14.48 -7.88 29.97
C ASN A 182 -14.76 -6.40 30.23
N ASN A 183 -15.94 -6.13 30.78
CA ASN A 183 -16.32 -4.81 31.23
C ASN A 183 -16.94 -4.94 32.60
N GLY A 184 -17.68 -3.94 33.05
CA GLY A 184 -18.36 -4.00 34.35
C GLY A 184 -19.85 -3.87 34.19
N ILE A 185 -20.39 -4.45 33.13
CA ILE A 185 -21.82 -4.36 32.83
C ILE A 185 -22.66 -5.28 33.75
N THR A 186 -23.78 -4.75 34.23
CA THR A 186 -24.71 -5.49 35.04
C THR A 186 -26.11 -5.65 34.46
N ASP A 187 -26.54 -4.65 33.71
CA ASP A 187 -27.88 -4.58 33.16
C ASP A 187 -27.77 -4.53 31.66
N ILE A 188 -28.38 -5.50 31.00
CA ILE A 188 -28.38 -5.59 29.55
C ILE A 188 -29.74 -5.37 28.93
N SER A 189 -30.68 -4.78 29.67
CA SER A 189 -32.01 -4.55 29.11
C SER A 189 -31.92 -3.73 27.81
N ALA A 190 -30.93 -2.85 27.70
CA ALA A 190 -30.67 -2.10 26.47
C ALA A 190 -30.52 -2.95 25.20
N LEU A 191 -30.12 -4.20 25.32
CA LEU A 191 -29.98 -5.10 24.18
C LEU A 191 -31.31 -5.70 23.70
N LYS A 192 -32.38 -5.51 24.47
CA LYS A 192 -33.72 -6.06 24.16
C LYS A 192 -34.14 -5.86 22.73
N ASN A 193 -33.94 -4.64 22.25
CA ASN A 193 -34.46 -4.22 20.98
C ASN A 193 -33.47 -4.30 19.83
N LEU A 194 -32.36 -5.01 20.01
CA LEU A 194 -31.40 -5.25 18.92
C LEU A 194 -31.68 -6.56 18.17
N ASP A 195 -32.75 -6.55 17.38
CA ASP A 195 -33.28 -7.76 16.76
C ASP A 195 -32.35 -8.38 15.72
N ASN A 196 -31.38 -7.62 15.20
CA ASN A 196 -30.49 -8.13 14.17
C ASN A 196 -29.17 -8.64 14.66
N LEU A 197 -28.98 -8.74 15.98
CA LEU A 197 -27.75 -9.34 16.52
C LEU A 197 -27.62 -10.82 16.16
N GLU A 198 -26.49 -11.19 15.54
CA GLU A 198 -26.10 -12.61 15.29
C GLU A 198 -24.96 -13.05 16.22
N THR A 199 -23.99 -12.19 16.41
CA THR A 199 -22.84 -12.51 17.22
C THR A 199 -22.74 -11.57 18.42
N LEU A 200 -22.84 -12.13 19.62
CA LEU A 200 -22.79 -11.37 20.86
C LEU A 200 -21.86 -12.05 21.85
N ASP A 201 -20.99 -11.28 22.51
CA ASP A 201 -20.12 -11.79 23.59
C ASP A 201 -20.27 -10.90 24.83
N LEU A 202 -20.75 -11.50 25.90
CA LEU A 202 -21.01 -10.82 27.17
C LEU A 202 -20.14 -11.36 28.31
N ARG A 203 -19.24 -12.28 28.02
CA ARG A 203 -18.41 -12.91 29.07
C ARG A 203 -17.58 -11.92 29.91
N ASN A 204 -17.37 -12.29 31.18
CA ASN A 204 -16.59 -11.48 32.13
C ASN A 204 -17.17 -10.09 32.42
N ASN A 205 -18.45 -10.08 32.74
CA ASN A 205 -19.13 -8.91 33.23
C ASN A 205 -19.75 -9.31 34.55
N GLY A 206 -20.63 -8.49 35.10
CA GLY A 206 -21.36 -8.85 36.34
C GLY A 206 -22.85 -8.94 36.13
N ILE A 207 -23.25 -9.73 35.14
CA ILE A 207 -24.65 -9.87 34.73
C ILE A 207 -25.25 -11.12 35.34
N THR A 208 -26.46 -10.99 35.88
CA THR A 208 -27.22 -12.11 36.41
C THR A 208 -28.52 -12.37 35.61
N ASP A 209 -29.22 -11.30 35.21
CA ASP A 209 -30.49 -11.37 34.46
C ASP A 209 -30.23 -11.34 32.93
N LYS A 210 -30.46 -12.48 32.27
CA LYS A 210 -30.26 -12.61 30.81
C LYS A 210 -31.51 -12.73 29.96
N SER A 211 -32.69 -12.47 30.53
CA SER A 211 -33.94 -12.64 29.79
C SER A 211 -34.06 -11.73 28.54
N ALA A 212 -33.28 -10.67 28.43
CA ALA A 212 -33.28 -9.82 27.22
C ALA A 212 -32.85 -10.58 25.93
N LEU A 213 -31.94 -11.56 26.08
CA LEU A 213 -31.43 -12.43 24.99
C LEU A 213 -32.41 -13.50 24.50
N LYS A 214 -33.45 -13.78 25.27
CA LYS A 214 -34.41 -14.82 24.89
C LYS A 214 -35.06 -14.56 23.53
N ASN A 215 -35.43 -13.31 23.23
CA ASN A 215 -36.21 -13.00 22.01
C ASN A 215 -35.41 -12.39 20.86
N LEU A 216 -34.10 -12.47 20.96
CA LEU A 216 -33.23 -12.15 19.84
C LEU A 216 -33.02 -13.37 18.94
N ASN A 217 -33.73 -13.38 17.82
CA ASN A 217 -33.88 -14.60 17.03
C ASN A 217 -32.69 -15.01 16.15
N ASN A 218 -31.94 -14.02 15.68
CA ASN A 218 -30.83 -14.24 14.73
C ASN A 218 -29.50 -14.58 15.41
N LEU A 219 -29.47 -14.53 16.76
CA LEU A 219 -28.35 -15.03 17.56
C LEU A 219 -27.90 -16.47 17.28
N LYS A 220 -26.57 -16.64 17.36
CA LYS A 220 -25.90 -17.94 17.21
C LYS A 220 -25.57 -18.55 18.57
N GLU B 1 -17.21 27.28 -24.50
CA GLU B 1 -15.79 26.77 -24.42
C GLU B 1 -15.25 26.13 -25.73
N THR B 2 -14.41 26.87 -26.46
CA THR B 2 -13.84 26.43 -27.74
C THR B 2 -12.35 26.75 -27.88
N ILE B 3 -11.63 25.95 -28.65
CA ILE B 3 -10.32 26.39 -29.18
C ILE B 3 -10.45 27.06 -30.56
N THR B 4 -9.61 28.03 -30.85
CA THR B 4 -9.74 28.80 -32.09
C THR B 4 -8.56 28.63 -33.05
N VAL B 5 -7.50 27.96 -32.59
CA VAL B 5 -6.35 27.60 -33.42
C VAL B 5 -6.17 26.10 -33.25
N SER B 6 -5.65 25.44 -34.27
CA SER B 6 -5.37 24.04 -34.14
C SER B 6 -4.26 23.89 -33.06
N THR B 7 -4.48 22.93 -32.16
CA THR B 7 -3.73 22.83 -30.93
C THR B 7 -3.37 21.35 -30.66
N PRO B 8 -2.12 21.06 -30.26
CA PRO B 8 -1.81 19.70 -29.87
C PRO B 8 -2.80 19.17 -28.85
N ILE B 9 -3.21 17.93 -29.05
CA ILE B 9 -4.11 17.25 -28.12
C ILE B 9 -3.60 17.31 -26.70
N LYS B 10 -2.32 17.01 -26.55
CA LYS B 10 -1.70 16.88 -25.23
C LYS B 10 -1.68 18.20 -24.49
N GLN B 11 -1.76 19.30 -25.24
CA GLN B 11 -1.88 20.61 -24.63
C GLN B 11 -3.30 20.90 -24.11
N ILE B 12 -4.33 20.41 -24.79
CA ILE B 12 -5.68 20.61 -24.34
C ILE B 12 -6.02 19.62 -23.22
N PHE B 13 -5.55 18.38 -23.38
CA PHE B 13 -5.87 17.28 -22.50
C PHE B 13 -4.57 16.79 -21.84
N PRO B 14 -4.20 17.33 -20.68
CA PRO B 14 -2.83 17.05 -20.20
C PRO B 14 -2.61 15.66 -19.60
N ASP B 15 -3.67 14.96 -19.22
CA ASP B 15 -3.49 13.62 -18.68
C ASP B 15 -3.02 12.66 -19.78
N ASP B 16 -1.96 11.90 -19.53
CA ASP B 16 -1.40 11.00 -20.55
C ASP B 16 -2.50 10.07 -21.10
N ALA B 17 -3.17 9.34 -20.22
CA ALA B 17 -4.16 8.35 -20.66
C ALA B 17 -5.37 9.00 -21.32
N PHE B 18 -5.83 10.11 -20.79
CA PHE B 18 -7.00 10.74 -21.36
C PHE B 18 -6.70 11.31 -22.76
N ALA B 19 -5.53 11.92 -22.92
CA ALA B 19 -5.09 12.34 -24.23
C ALA B 19 -5.09 11.17 -25.20
N GLU B 20 -4.64 10.00 -24.78
CA GLU B 20 -4.58 8.85 -25.69
C GLU B 20 -5.97 8.48 -26.18
N THR B 21 -6.98 8.64 -25.32
CA THR B 21 -8.35 8.24 -25.69
C THR B 21 -8.92 9.23 -26.67
N ILE B 22 -8.57 10.49 -26.52
CA ILE B 22 -8.97 11.47 -27.49
C ILE B 22 -8.28 11.20 -28.84
N LYS B 23 -6.99 10.97 -28.81
CA LYS B 23 -6.25 10.64 -30.01
C LYS B 23 -6.91 9.49 -30.78
N ALA B 24 -7.23 8.43 -30.07
CA ALA B 24 -7.85 7.26 -30.68
C ALA B 24 -9.23 7.54 -31.24
N ASN B 25 -10.02 8.31 -30.51
CA ASN B 25 -11.32 8.67 -30.95
C ASN B 25 -11.31 9.42 -32.30
N LEU B 26 -10.29 10.24 -32.46
CA LEU B 26 -10.13 11.10 -33.62
C LEU B 26 -9.28 10.47 -34.70
N LYS B 27 -8.78 9.28 -34.42
CA LYS B 27 -7.86 8.58 -35.30
C LYS B 27 -6.66 9.42 -35.66
N LYS B 28 -6.06 10.05 -34.67
CA LYS B 28 -4.80 10.74 -34.90
C LYS B 28 -3.64 9.82 -34.59
N LYS B 29 -2.49 10.13 -35.17
CA LYS B 29 -1.32 9.29 -34.98
C LYS B 29 -0.64 9.44 -33.62
N SER B 30 -0.77 10.61 -32.99
CA SER B 30 0.01 10.90 -31.78
C SER B 30 -0.69 11.96 -30.94
N VAL B 31 -0.49 11.92 -29.64
CA VAL B 31 -1.05 12.97 -28.76
C VAL B 31 -0.44 14.35 -29.02
N THR B 32 0.69 14.44 -29.70
CA THR B 32 1.23 15.73 -30.12
C THR B 32 0.57 16.30 -31.39
N ASP B 33 -0.25 15.52 -32.10
CA ASP B 33 -0.90 16.04 -33.33
C ASP B 33 -1.88 17.15 -32.97
N ALA B 34 -1.94 18.15 -33.83
CA ALA B 34 -2.79 19.31 -33.63
C ALA B 34 -4.22 18.95 -34.01
N VAL B 35 -5.20 19.39 -33.23
CA VAL B 35 -6.64 19.21 -33.56
C VAL B 35 -7.41 20.53 -33.57
N THR B 36 -8.54 20.54 -34.27
CA THR B 36 -9.39 21.74 -34.41
C THR B 36 -10.64 21.51 -33.58
N GLN B 37 -11.35 22.60 -33.28
CA GLN B 37 -12.62 22.53 -32.53
C GLN B 37 -13.61 21.66 -33.30
N ASN B 38 -13.62 21.86 -34.60
CA ASN B 38 -14.46 21.09 -35.46
C ASN B 38 -14.27 19.57 -35.27
N GLU B 39 -13.04 19.13 -35.19
CA GLU B 39 -12.70 17.75 -34.85
C GLU B 39 -13.15 17.37 -33.46
N LEU B 40 -12.98 18.26 -32.49
CA LEU B 40 -13.49 17.97 -31.14
C LEU B 40 -15.02 17.89 -31.08
N ASN B 41 -15.70 18.66 -31.91
CA ASN B 41 -17.14 18.58 -32.01
C ASN B 41 -17.64 17.21 -32.51
N SER B 42 -16.79 16.42 -33.16
CA SER B 42 -17.18 15.12 -33.68
C SER B 42 -17.23 14.02 -32.58
N ILE B 43 -16.72 14.28 -31.39
CA ILE B 43 -16.66 13.25 -30.37
C ILE B 43 -17.96 13.14 -29.61
N ASP B 44 -18.60 11.98 -29.65
CA ASP B 44 -19.82 11.85 -28.87
C ASP B 44 -19.81 10.76 -27.80
N GLN B 45 -18.76 9.94 -27.75
CA GLN B 45 -18.77 8.78 -26.86
C GLN B 45 -17.34 8.49 -26.47
N ILE B 46 -17.05 8.49 -25.16
CA ILE B 46 -15.75 8.12 -24.67
C ILE B 46 -15.89 6.98 -23.65
N ILE B 47 -15.23 5.86 -23.91
CA ILE B 47 -15.20 4.75 -22.95
C ILE B 47 -13.77 4.41 -22.62
N ALA B 48 -13.39 4.69 -21.39
CA ALA B 48 -12.02 4.51 -20.94
C ALA B 48 -12.04 4.12 -19.48
N ASN B 49 -12.55 2.94 -19.23
CA ASN B 49 -12.52 2.38 -17.92
C ASN B 49 -11.12 1.82 -17.62
N ASN B 50 -10.81 1.65 -16.35
CA ASN B 50 -9.62 0.89 -15.97
C ASN B 50 -8.38 1.44 -16.70
N SER B 51 -8.27 2.76 -16.82
CA SER B 51 -7.19 3.36 -17.58
C SER B 51 -6.21 4.27 -16.84
N ASP B 52 -6.21 4.29 -15.52
CA ASP B 52 -5.30 5.18 -14.77
C ASP B 52 -5.43 6.68 -15.16
N ILE B 53 -6.61 7.14 -15.50
CA ILE B 53 -6.82 8.54 -15.73
C ILE B 53 -6.88 9.33 -14.43
N LYS B 54 -6.07 10.36 -14.33
CA LYS B 54 -6.09 11.22 -13.17
C LYS B 54 -6.84 12.53 -13.35
N SER B 55 -7.06 12.98 -14.58
CA SER B 55 -7.70 14.30 -14.81
C SER B 55 -8.43 14.28 -16.14
N VAL B 56 -9.63 14.82 -16.13
CA VAL B 56 -10.41 15.03 -17.38
C VAL B 56 -10.37 16.46 -17.93
N GLN B 57 -9.39 17.24 -17.47
CA GLN B 57 -9.17 18.57 -18.01
C GLN B 57 -9.12 18.49 -19.54
N GLY B 58 -9.85 19.38 -20.20
CA GLY B 58 -9.93 19.43 -21.66
C GLY B 58 -11.29 18.93 -22.14
N ILE B 59 -11.97 18.13 -21.32
CA ILE B 59 -13.26 17.59 -21.68
C ILE B 59 -14.30 18.66 -21.89
N GLN B 60 -14.10 19.82 -21.30
CA GLN B 60 -15.02 20.93 -21.49
C GLN B 60 -15.15 21.38 -22.93
N TYR B 61 -14.23 20.96 -23.79
CA TYR B 61 -14.28 21.35 -25.19
C TYR B 61 -15.02 20.35 -26.07
N LEU B 62 -15.74 19.41 -25.47
CA LEU B 62 -16.44 18.36 -26.23
C LEU B 62 -17.94 18.52 -26.08
N PRO B 63 -18.55 19.49 -26.79
CA PRO B 63 -19.92 19.84 -26.46
C PRO B 63 -20.89 18.75 -26.82
N ASN B 64 -20.52 17.88 -27.75
CA ASN B 64 -21.47 16.82 -28.18
C ASN B 64 -21.27 15.49 -27.47
N LEU B 65 -20.51 15.51 -26.39
CA LEU B 65 -20.31 14.32 -25.62
C LEU B 65 -21.61 13.86 -24.97
N LYS B 66 -21.99 12.62 -25.28
CA LYS B 66 -23.26 12.04 -24.91
C LYS B 66 -23.10 10.90 -23.91
N THR B 67 -22.02 10.15 -24.05
CA THR B 67 -21.79 8.97 -23.25
C THR B 67 -20.35 9.02 -22.77
N LEU B 68 -20.17 8.95 -21.46
CA LEU B 68 -18.85 9.06 -20.85
C LEU B 68 -18.72 8.01 -19.77
N LYS B 69 -17.86 7.05 -19.98
CA LYS B 69 -17.66 5.97 -19.01
C LYS B 69 -16.20 5.89 -18.62
N LEU B 70 -15.94 6.16 -17.35
CA LEU B 70 -14.60 6.30 -16.82
C LEU B 70 -14.49 5.59 -15.48
N SER B 71 -15.00 4.36 -15.44
CA SER B 71 -14.98 3.57 -14.21
C SER B 71 -13.58 3.08 -13.87
N ASN B 72 -13.22 3.17 -12.60
CA ASN B 72 -11.97 2.66 -12.07
C ASN B 72 -10.74 3.39 -12.63
N ASN B 73 -10.71 4.70 -12.42
CA ASN B 73 -9.60 5.54 -12.70
C ASN B 73 -9.19 6.26 -11.39
N LYS B 74 -8.52 7.40 -11.45
CA LYS B 74 -8.16 8.15 -10.25
C LYS B 74 -8.63 9.58 -10.29
N ILE B 75 -9.85 9.76 -10.73
CA ILE B 75 -10.45 11.08 -10.88
C ILE B 75 -10.91 11.59 -9.52
N THR B 76 -10.52 12.82 -9.23
CA THR B 76 -10.97 13.55 -8.02
C THR B 76 -11.76 14.83 -8.26
N ASP B 77 -11.58 15.45 -9.41
CA ASP B 77 -12.17 16.75 -9.69
C ASP B 77 -12.92 16.56 -11.00
N ILE B 78 -14.21 16.85 -11.00
CA ILE B 78 -15.02 16.77 -12.22
C ILE B 78 -15.60 18.11 -12.66
N SER B 79 -15.01 19.19 -12.21
CA SER B 79 -15.57 20.49 -12.49
C SER B 79 -15.61 20.81 -14.01
N ALA B 80 -14.74 20.19 -14.79
CA ALA B 80 -14.75 20.42 -16.21
C ALA B 80 -15.95 19.78 -16.96
N LEU B 81 -16.77 18.98 -16.28
CA LEU B 81 -18.05 18.47 -16.86
C LEU B 81 -19.18 19.50 -16.79
N LYS B 82 -18.96 20.58 -16.06
CA LYS B 82 -19.97 21.52 -15.60
C LYS B 82 -20.95 22.05 -16.70
N GLN B 83 -20.47 22.28 -17.92
CA GLN B 83 -21.31 22.81 -18.98
C GLN B 83 -21.53 21.89 -20.14
N LEU B 84 -21.33 20.60 -19.94
CA LEU B 84 -21.65 19.58 -20.98
C LEU B 84 -23.14 19.23 -21.00
N ASN B 85 -23.87 20.04 -21.75
CA ASN B 85 -25.32 19.96 -21.85
C ASN B 85 -25.93 18.74 -22.54
N ASN B 86 -25.15 17.93 -23.25
CA ASN B 86 -25.68 16.75 -23.92
C ASN B 86 -25.34 15.40 -23.28
N LEU B 87 -24.70 15.39 -22.10
CA LEU B 87 -24.41 14.13 -21.41
C LEU B 87 -25.67 13.43 -21.03
N GLY B 88 -25.79 12.19 -21.47
CA GLY B 88 -26.92 11.34 -21.15
C GLY B 88 -26.53 10.17 -20.22
N TRP B 89 -25.36 9.58 -20.44
CA TRP B 89 -24.91 8.42 -19.67
C TRP B 89 -23.54 8.80 -19.11
N LEU B 90 -23.42 8.83 -17.78
CA LEU B 90 -22.18 9.17 -17.10
C LEU B 90 -21.86 8.10 -16.06
N ASP B 91 -20.72 7.45 -16.21
CA ASP B 91 -20.27 6.46 -15.28
C ASP B 91 -18.92 6.91 -14.78
N LEU B 92 -18.89 7.25 -13.50
CA LEU B 92 -17.70 7.71 -12.82
C LEU B 92 -17.45 6.87 -11.61
N SER B 93 -17.99 5.67 -11.62
CA SER B 93 -17.81 4.78 -10.50
C SER B 93 -16.32 4.46 -10.24
N ASN B 94 -16.00 4.06 -9.00
CA ASN B 94 -14.63 3.65 -8.58
C ASN B 94 -13.59 4.71 -8.87
N ASN B 95 -13.85 5.91 -8.43
CA ASN B 95 -12.89 6.97 -8.54
C ASN B 95 -12.68 7.55 -7.12
N GLY B 96 -12.24 8.78 -7.02
CA GLY B 96 -12.09 9.45 -5.71
C GLY B 96 -12.89 10.75 -5.67
N ILE B 97 -14.10 10.69 -6.21
CA ILE B 97 -14.94 11.86 -6.32
C ILE B 97 -15.66 12.15 -5.00
N THR B 98 -15.63 13.41 -4.59
CA THR B 98 -16.25 13.84 -3.33
C THR B 98 -17.34 14.84 -3.68
N ASP B 99 -16.96 16.00 -4.15
CA ASP B 99 -17.90 17.05 -4.54
C ASP B 99 -18.49 16.75 -5.92
N ILE B 100 -19.81 16.75 -6.04
CA ILE B 100 -20.47 16.54 -7.32
C ILE B 100 -21.32 17.74 -7.77
N SER B 101 -21.05 18.92 -7.26
CA SER B 101 -21.83 20.11 -7.67
C SER B 101 -21.68 20.41 -9.16
N ALA B 102 -20.60 19.93 -9.78
CA ALA B 102 -20.46 20.06 -11.20
C ALA B 102 -21.57 19.39 -12.02
N LEU B 103 -22.27 18.42 -11.43
CA LEU B 103 -23.34 17.72 -12.13
C LEU B 103 -24.68 18.50 -12.13
N LYS B 104 -24.71 19.62 -11.41
CA LYS B 104 -25.94 20.29 -11.04
C LYS B 104 -26.85 20.69 -12.21
N ASN B 105 -26.27 21.14 -13.32
CA ASN B 105 -27.04 21.59 -14.48
C ASN B 105 -27.05 20.62 -15.68
N LEU B 106 -26.66 19.37 -15.46
CA LEU B 106 -26.66 18.38 -16.55
C LEU B 106 -28.03 17.75 -16.69
N ALA B 107 -29.01 18.57 -17.08
CA ALA B 107 -30.40 18.17 -17.16
C ALA B 107 -30.64 17.00 -18.08
N SER B 108 -29.75 16.81 -19.05
CA SER B 108 -29.81 15.74 -20.05
C SER B 108 -29.55 14.31 -19.48
N LEU B 109 -28.94 14.24 -18.29
CA LEU B 109 -28.58 12.96 -17.69
C LEU B 109 -29.73 12.01 -17.45
N HIS B 110 -29.60 10.79 -17.94
CA HIS B 110 -30.62 9.76 -17.72
C HIS B 110 -30.09 8.56 -16.97
N THR B 111 -28.80 8.32 -17.05
CA THR B 111 -28.15 7.16 -16.45
C THR B 111 -26.88 7.64 -15.78
N LEU B 112 -26.75 7.40 -14.48
CA LEU B 112 -25.67 7.95 -13.72
C LEU B 112 -25.17 6.92 -12.74
N ASP B 113 -23.88 6.62 -12.79
CA ASP B 113 -23.26 5.66 -11.90
C ASP B 113 -22.12 6.39 -11.23
N LEU B 114 -22.31 6.61 -9.93
CA LEU B 114 -21.35 7.27 -9.11
C LEU B 114 -20.94 6.34 -7.97
N SER B 115 -21.10 5.02 -8.17
CA SER B 115 -20.82 4.09 -7.08
C SER B 115 -19.33 4.06 -6.75
N ASN B 116 -19.04 3.69 -5.50
CA ASN B 116 -17.67 3.54 -5.02
C ASN B 116 -16.79 4.81 -5.15
N ASN B 117 -17.26 5.89 -4.54
CA ASN B 117 -16.51 7.12 -4.45
C ASN B 117 -16.51 7.57 -3.01
N GLY B 118 -16.32 8.87 -2.75
CA GLY B 118 -16.38 9.43 -1.38
C GLY B 118 -17.43 10.52 -1.28
N ILE B 119 -18.58 10.26 -1.84
CA ILE B 119 -19.63 11.25 -1.89
C ILE B 119 -20.43 11.29 -0.61
N THR B 120 -20.71 12.49 -0.11
CA THR B 120 -21.51 12.71 1.07
C THR B 120 -22.74 13.52 0.75
N ASP B 121 -22.59 14.72 0.24
CA ASP B 121 -23.71 15.61 -0.10
C ASP B 121 -24.15 15.31 -1.55
N ILE B 122 -25.41 15.01 -1.74
CA ILE B 122 -25.95 14.78 -3.09
C ILE B 122 -26.98 15.82 -3.55
N SER B 123 -27.05 16.98 -2.91
CA SER B 123 -28.08 17.96 -3.27
C SER B 123 -27.92 18.47 -4.71
N ALA B 124 -26.75 18.32 -5.29
CA ALA B 124 -26.56 18.62 -6.70
C ALA B 124 -27.41 17.72 -7.68
N LEU B 125 -27.95 16.62 -7.19
CA LEU B 125 -28.78 15.76 -8.01
C LEU B 125 -30.20 16.24 -8.06
N LYS B 126 -30.58 17.18 -7.22
CA LYS B 126 -31.98 17.47 -7.02
C LYS B 126 -32.81 17.86 -8.24
N ASN B 127 -32.21 18.50 -9.25
CA ASN B 127 -32.98 18.92 -10.47
C ASN B 127 -32.67 18.12 -11.72
N LEU B 128 -32.08 16.94 -11.54
CA LEU B 128 -31.83 16.05 -12.65
C LEU B 128 -33.06 15.17 -12.91
N ASP B 129 -34.09 15.82 -13.44
CA ASP B 129 -35.41 15.25 -13.72
C ASP B 129 -35.43 14.03 -14.60
N ASN B 130 -34.49 13.94 -15.54
CA ASN B 130 -34.51 12.86 -16.52
C ASN B 130 -33.78 11.58 -16.05
N LEU B 131 -33.31 11.54 -14.82
CA LEU B 131 -32.67 10.31 -14.34
C LEU B 131 -33.67 9.20 -14.23
N HIS B 132 -33.42 8.10 -14.93
CA HIS B 132 -34.20 6.89 -14.69
C HIS B 132 -33.37 5.77 -14.03
N THR B 133 -32.04 5.84 -14.11
CA THR B 133 -31.19 4.78 -13.59
C THR B 133 -30.05 5.44 -12.82
N LEU B 134 -29.94 5.13 -11.53
CA LEU B 134 -29.02 5.84 -10.64
C LEU B 134 -28.39 4.87 -9.67
N ASP B 135 -27.07 4.87 -9.63
CA ASP B 135 -26.32 4.01 -8.73
C ASP B 135 -25.44 4.91 -7.88
N LEU B 136 -25.75 4.93 -6.58
CA LEU B 136 -25.02 5.73 -5.62
C LEU B 136 -24.40 4.89 -4.53
N SER B 137 -24.23 3.59 -4.80
CA SER B 137 -23.78 2.66 -3.78
C SER B 137 -22.34 2.93 -3.36
N ASN B 138 -22.00 2.46 -2.16
CA ASN B 138 -20.61 2.55 -1.63
C ASN B 138 -20.07 3.98 -1.61
N ASN B 139 -20.78 4.84 -0.93
CA ASN B 139 -20.37 6.22 -0.66
C ASN B 139 -20.60 6.51 0.82
N GLY B 140 -20.66 7.77 1.20
CA GLY B 140 -20.94 8.15 2.59
C GLY B 140 -22.18 9.00 2.66
N ILE B 141 -23.20 8.60 1.93
CA ILE B 141 -24.45 9.37 1.84
C ILE B 141 -25.30 9.14 3.08
N THR B 142 -25.81 10.21 3.66
CA THR B 142 -26.71 10.09 4.78
C THR B 142 -28.07 10.73 4.53
N ASP B 143 -28.11 11.91 3.94
CA ASP B 143 -29.36 12.59 3.59
C ASP B 143 -29.67 12.28 2.12
N ILE B 144 -30.86 11.74 1.85
CA ILE B 144 -31.29 11.52 0.49
C ILE B 144 -32.49 12.36 0.04
N SER B 145 -32.74 13.48 0.71
CA SER B 145 -33.91 14.29 0.35
C SER B 145 -33.80 14.92 -1.05
N ALA B 146 -32.60 15.02 -1.58
CA ALA B 146 -32.43 15.45 -2.92
C ALA B 146 -33.09 14.51 -3.96
N LEU B 147 -33.42 13.28 -3.57
CA LEU B 147 -33.97 12.34 -4.54
C LEU B 147 -35.46 12.48 -4.71
N LYS B 148 -36.11 13.30 -3.86
CA LYS B 148 -37.56 13.22 -3.69
C LYS B 148 -38.42 13.59 -4.88
N ASN B 149 -37.88 14.41 -5.79
CA ASN B 149 -38.63 14.79 -7.01
C ASN B 149 -38.09 14.16 -8.28
N LEU B 150 -37.24 13.15 -8.15
CA LEU B 150 -36.71 12.43 -9.32
C LEU B 150 -37.67 11.28 -9.66
N ASP B 151 -38.85 11.64 -10.12
CA ASP B 151 -39.92 10.65 -10.27
C ASP B 151 -39.89 9.88 -11.61
N ASN B 152 -38.88 10.08 -12.43
CA ASN B 152 -38.62 9.10 -13.48
C ASN B 152 -37.65 8.02 -13.08
N LEU B 153 -37.18 8.01 -11.84
CA LEU B 153 -36.33 6.90 -11.39
C LEU B 153 -37.06 5.56 -11.45
N HIS B 154 -36.49 4.58 -12.16
CA HIS B 154 -36.98 3.20 -12.07
C HIS B 154 -35.99 2.24 -11.46
N THR B 155 -34.72 2.59 -11.44
CA THR B 155 -33.67 1.70 -10.97
C THR B 155 -32.75 2.51 -10.08
N LEU B 156 -32.71 2.18 -8.79
CA LEU B 156 -31.97 2.96 -7.80
C LEU B 156 -31.21 2.05 -6.89
N ASP B 157 -29.91 2.30 -6.75
CA ASP B 157 -29.08 1.52 -5.86
C ASP B 157 -28.43 2.49 -4.87
N LEU B 158 -28.80 2.33 -3.61
CA LEU B 158 -28.33 3.15 -2.53
C LEU B 158 -27.57 2.32 -1.50
N SER B 159 -27.19 1.11 -1.84
CA SER B 159 -26.60 0.23 -0.89
C SER B 159 -25.26 0.75 -0.38
N ASN B 160 -24.91 0.30 0.81
CA ASN B 160 -23.63 0.59 1.43
C ASN B 160 -23.38 2.10 1.59
N ASN B 161 -24.27 2.78 2.31
CA ASN B 161 -24.11 4.17 2.67
C ASN B 161 -24.43 4.29 4.17
N GLY B 162 -24.85 5.47 4.64
CA GLY B 162 -25.21 5.68 6.04
C GLY B 162 -26.60 6.22 6.16
N ILE B 163 -27.48 5.73 5.31
CA ILE B 163 -28.84 6.24 5.20
C ILE B 163 -29.70 5.74 6.36
N THR B 164 -30.37 6.67 7.04
CA THR B 164 -31.33 6.33 8.09
C THR B 164 -32.79 6.62 7.71
N ASP B 165 -33.03 7.58 6.85
CA ASP B 165 -34.37 8.04 6.58
C ASP B 165 -34.64 8.01 5.10
N ILE B 166 -35.73 7.35 4.72
CA ILE B 166 -36.04 7.12 3.33
C ILE B 166 -37.39 7.67 2.90
N SER B 167 -37.97 8.55 3.72
CA SER B 167 -39.24 9.17 3.35
C SER B 167 -39.13 9.92 1.99
N ALA B 168 -37.93 10.35 1.64
CA ALA B 168 -37.67 10.87 0.33
C ALA B 168 -38.06 9.96 -0.88
N LEU B 169 -38.17 8.66 -0.67
CA LEU B 169 -38.55 7.74 -1.73
C LEU B 169 -40.05 7.60 -1.93
N LYS B 170 -40.84 8.18 -1.03
CA LYS B 170 -42.25 7.87 -0.87
C LYS B 170 -43.10 8.06 -2.13
N ASN B 171 -42.70 9.00 -2.99
CA ASN B 171 -43.45 9.29 -4.21
C ASN B 171 -42.71 8.95 -5.50
N LEU B 172 -41.67 8.13 -5.40
CA LEU B 172 -40.98 7.59 -6.58
C LEU B 172 -41.66 6.32 -7.10
N THR B 173 -42.92 6.48 -7.49
CA THR B 173 -43.77 5.35 -7.82
C THR B 173 -43.34 4.59 -9.07
N SER B 174 -42.43 5.11 -9.89
CA SER B 174 -41.94 4.34 -11.04
C SER B 174 -40.81 3.38 -10.65
N LEU B 175 -40.35 3.39 -9.41
CA LEU B 175 -39.30 2.46 -9.01
C LEU B 175 -39.70 0.98 -9.15
N HIS B 176 -38.91 0.20 -9.90
CA HIS B 176 -39.08 -1.27 -9.91
C HIS B 176 -37.89 -2.04 -9.33
N THR B 177 -36.75 -1.38 -9.18
CA THR B 177 -35.55 -2.05 -8.73
C THR B 177 -34.91 -1.11 -7.72
N LEU B 178 -34.82 -1.57 -6.47
CA LEU B 178 -34.34 -0.73 -5.40
C LEU B 178 -33.44 -1.53 -4.50
N ASP B 179 -32.21 -1.06 -4.31
CA ASP B 179 -31.29 -1.71 -3.36
C ASP B 179 -30.98 -0.72 -2.25
N LEU B 180 -31.41 -1.08 -1.06
CA LEU B 180 -31.20 -0.30 0.13
C LEU B 180 -30.31 -1.02 1.16
N SER B 181 -29.70 -2.12 0.78
CA SER B 181 -28.95 -2.93 1.71
C SER B 181 -27.72 -2.21 2.31
N ASN B 182 -27.35 -2.62 3.52
CA ASN B 182 -26.20 -2.03 4.24
C ASN B 182 -26.31 -0.54 4.48
N ASN B 183 -27.38 -0.14 5.16
CA ASN B 183 -27.57 1.21 5.61
C ASN B 183 -28.04 1.15 7.04
N GLY B 184 -28.58 2.24 7.56
CA GLY B 184 -29.11 2.25 8.95
C GLY B 184 -30.59 2.47 9.03
N ILE B 185 -31.32 1.92 8.08
CA ILE B 185 -32.75 2.12 7.99
C ILE B 185 -33.52 1.32 9.03
N THR B 186 -34.49 1.94 9.69
CA THR B 186 -35.38 1.28 10.65
C THR B 186 -36.87 1.28 10.22
N ASP B 187 -37.31 2.31 9.52
CA ASP B 187 -38.69 2.52 9.17
C ASP B 187 -38.80 2.50 7.64
N ILE B 188 -39.60 1.59 7.12
CA ILE B 188 -39.82 1.46 5.70
C ILE B 188 -41.23 1.79 5.27
N SER B 189 -41.99 2.48 6.10
CA SER B 189 -43.37 2.81 5.74
C SER B 189 -43.42 3.59 4.41
N ALA B 190 -42.38 4.36 4.12
CA ALA B 190 -42.24 5.06 2.83
C ALA B 190 -42.37 4.16 1.58
N LEU B 191 -42.09 2.87 1.70
CA LEU B 191 -42.18 1.94 0.59
C LEU B 191 -43.61 1.46 0.31
N LYS B 192 -44.56 1.79 1.21
CA LYS B 192 -45.97 1.35 1.11
C LYS B 192 -46.61 1.56 -0.24
N ASN B 193 -46.36 2.72 -0.82
CA ASN B 193 -46.99 3.10 -2.08
C ASN B 193 -46.17 2.87 -3.35
N LEU B 194 -45.09 2.08 -3.28
CA LEU B 194 -44.30 1.77 -4.46
C LEU B 194 -44.77 0.49 -5.09
N ASP B 195 -45.92 0.57 -5.75
CA ASP B 195 -46.63 -0.57 -6.27
C ASP B 195 -45.90 -1.32 -7.38
N ASN B 196 -44.94 -0.67 -8.03
CA ASN B 196 -44.23 -1.30 -9.14
C ASN B 196 -42.92 -1.98 -8.79
N LEU B 197 -42.59 -2.10 -7.50
CA LEU B 197 -41.34 -2.77 -7.09
C LEU B 197 -41.36 -4.26 -7.37
N GLU B 198 -40.36 -4.75 -8.09
CA GLU B 198 -40.18 -6.19 -8.33
C GLU B 198 -38.97 -6.71 -7.55
N THR B 199 -37.89 -5.95 -7.56
CA THR B 199 -36.66 -6.37 -6.93
C THR B 199 -36.29 -5.39 -5.81
N LEU B 200 -36.28 -5.88 -4.57
CA LEU B 200 -36.02 -5.05 -3.39
C LEU B 200 -35.03 -5.76 -2.49
N ASP B 201 -33.99 -5.04 -2.06
CA ASP B 201 -33.02 -5.60 -1.09
C ASP B 201 -32.96 -4.67 0.09
N LEU B 202 -33.36 -5.21 1.24
CA LEU B 202 -33.35 -4.50 2.53
C LEU B 202 -32.38 -5.09 3.58
N ARG B 203 -31.60 -6.08 3.20
CA ARG B 203 -30.68 -6.74 4.14
C ARG B 203 -29.66 -5.80 4.81
N ASN B 204 -29.27 -6.17 6.03
CA ASN B 204 -28.30 -5.41 6.83
C ASN B 204 -28.72 -3.94 7.10
N ASN B 205 -29.93 -3.80 7.60
CA ASN B 205 -30.41 -2.57 8.16
C ASN B 205 -30.84 -2.84 9.59
N GLY B 206 -31.62 -1.97 10.19
CA GLY B 206 -32.18 -2.21 11.50
C GLY B 206 -33.69 -2.17 11.48
N ILE B 207 -34.29 -2.96 10.60
CA ILE B 207 -35.76 -3.02 10.41
C ILE B 207 -36.36 -4.22 11.13
N THR B 208 -37.46 -3.98 11.83
CA THR B 208 -38.23 -5.02 12.50
C THR B 208 -39.69 -5.17 11.94
N ASP B 209 -40.35 -4.04 11.65
CA ASP B 209 -41.69 -3.98 11.08
C ASP B 209 -41.66 -4.01 9.53
N LYS B 210 -42.11 -5.13 8.94
CA LYS B 210 -42.15 -5.31 7.49
C LYS B 210 -43.52 -5.33 6.82
N SER B 211 -44.57 -4.95 7.54
CA SER B 211 -45.95 -5.01 6.98
C SER B 211 -46.16 -4.12 5.72
N ALA B 212 -45.29 -3.14 5.46
CA ALA B 212 -45.38 -2.33 4.23
C ALA B 212 -45.21 -3.17 2.93
N LEU B 213 -44.40 -4.23 2.99
CA LEU B 213 -44.15 -5.15 1.86
C LEU B 213 -45.29 -6.13 1.55
N LYS B 214 -46.25 -6.28 2.47
CA LYS B 214 -47.37 -7.22 2.27
C LYS B 214 -48.21 -6.96 1.02
N ASN B 215 -48.49 -5.69 0.74
CA ASN B 215 -49.36 -5.32 -0.39
C ASN B 215 -48.66 -4.87 -1.68
N LEU B 216 -47.34 -5.07 -1.75
CA LEU B 216 -46.60 -4.86 -3.00
C LEU B 216 -46.62 -6.12 -3.86
N ASN B 217 -47.48 -6.09 -4.88
CA ASN B 217 -47.88 -7.30 -5.60
C ASN B 217 -46.83 -7.88 -6.57
N ASN B 218 -46.04 -6.99 -7.18
CA ASN B 218 -45.09 -7.37 -8.24
C ASN B 218 -43.73 -7.84 -7.73
N LEU B 219 -43.52 -7.74 -6.41
CA LEU B 219 -42.34 -8.31 -5.74
C LEU B 219 -42.06 -9.80 -6.02
N LYS B 220 -40.77 -10.13 -6.09
CA LYS B 220 -40.26 -11.49 -6.28
C LYS B 220 -39.77 -12.11 -4.94
N GLU C 1 -4.31 -21.53 -19.99
CA GLU C 1 -4.92 -21.38 -18.61
C GLU C 1 -6.27 -20.65 -18.59
N THR C 2 -7.36 -21.43 -18.42
CA THR C 2 -8.73 -20.91 -18.39
C THR C 2 -9.61 -21.54 -17.29
N ILE C 3 -10.58 -20.79 -16.80
CA ILE C 3 -11.68 -21.39 -16.04
C ILE C 3 -12.84 -21.78 -16.98
N THR C 4 -13.51 -22.87 -16.66
CA THR C 4 -14.53 -23.38 -17.55
C THR C 4 -15.94 -23.25 -17.03
N VAL C 5 -16.05 -22.80 -15.79
CA VAL C 5 -17.36 -22.44 -15.26
C VAL C 5 -17.18 -21.20 -14.45
N SER C 6 -18.30 -20.53 -14.24
CA SER C 6 -18.25 -19.29 -13.50
C SER C 6 -17.84 -19.61 -12.05
N THR C 7 -16.89 -18.83 -11.54
CA THR C 7 -16.21 -19.13 -10.30
C THR C 7 -16.10 -17.86 -9.48
N PRO C 8 -16.36 -17.93 -8.18
CA PRO C 8 -16.10 -16.69 -7.34
C PRO C 8 -14.71 -16.14 -7.52
N ILE C 9 -14.63 -14.85 -7.63
CA ILE C 9 -13.37 -14.12 -7.79
C ILE C 9 -12.39 -14.50 -6.70
N LYS C 10 -12.89 -14.53 -5.46
CA LYS C 10 -12.04 -14.76 -4.32
C LYS C 10 -11.42 -16.13 -4.40
N GLN C 11 -12.06 -17.02 -5.11
CA GLN C 11 -11.53 -18.38 -5.21
C GLN C 11 -10.40 -18.45 -6.24
N ILE C 12 -10.50 -17.65 -7.29
CA ILE C 12 -9.45 -17.63 -8.32
C ILE C 12 -8.28 -16.77 -7.84
N PHE C 13 -8.61 -15.68 -7.18
CA PHE C 13 -7.64 -14.71 -6.67
C PHE C 13 -7.71 -14.70 -5.15
N PRO C 14 -6.93 -15.54 -4.47
CA PRO C 14 -7.14 -15.61 -3.02
C PRO C 14 -6.66 -14.44 -2.17
N ASP C 15 -5.74 -13.65 -2.65
CA ASP C 15 -5.25 -12.48 -1.86
C ASP C 15 -6.39 -11.43 -1.70
N ASP C 16 -6.68 -11.00 -0.48
CA ASP C 16 -7.82 -10.11 -0.17
C ASP C 16 -7.74 -8.88 -1.06
N ALA C 17 -6.59 -8.22 -1.03
CA ALA C 17 -6.45 -6.99 -1.79
C ALA C 17 -6.48 -7.23 -3.27
N PHE C 18 -5.78 -8.26 -3.76
CA PHE C 18 -5.76 -8.47 -5.21
C PHE C 18 -7.18 -8.82 -5.73
N ALA C 19 -7.94 -9.63 -5.01
CA ALA C 19 -9.32 -9.87 -5.37
C ALA C 19 -10.14 -8.59 -5.50
N GLU C 20 -9.98 -7.64 -4.58
CA GLU C 20 -10.76 -6.39 -4.64
C GLU C 20 -10.48 -5.66 -5.93
N THR C 21 -9.26 -5.72 -6.37
CA THR C 21 -8.85 -5.05 -7.58
C THR C 21 -9.50 -5.63 -8.80
N ILE C 22 -9.59 -6.93 -8.81
CA ILE C 22 -10.25 -7.61 -9.91
C ILE C 22 -11.71 -7.28 -9.89
N LYS C 23 -12.31 -7.33 -8.72
CA LYS C 23 -13.70 -7.00 -8.58
C LYS C 23 -14.00 -5.62 -9.20
N ALA C 24 -13.18 -4.65 -8.83
CA ALA C 24 -13.39 -3.29 -9.30
C ALA C 24 -13.16 -3.17 -10.81
N ASN C 25 -12.17 -3.85 -11.32
CA ASN C 25 -11.90 -3.85 -12.76
C ASN C 25 -13.11 -4.36 -13.57
N LEU C 26 -13.81 -5.35 -13.03
CA LEU C 26 -14.93 -6.01 -13.68
C LEU C 26 -16.27 -5.38 -13.29
N LYS C 27 -16.22 -4.37 -12.44
CA LYS C 27 -17.41 -3.74 -11.88
C LYS C 27 -18.38 -4.75 -11.27
N LYS C 28 -17.88 -5.68 -10.49
CA LYS C 28 -18.73 -6.57 -9.71
C LYS C 28 -19.03 -6.02 -8.34
N LYS C 29 -20.11 -6.49 -7.75
CA LYS C 29 -20.53 -6.01 -6.41
C LYS C 29 -19.72 -6.57 -5.23
N SER C 30 -19.15 -7.75 -5.38
CA SER C 30 -18.47 -8.39 -4.29
C SER C 30 -17.39 -9.35 -4.78
N VAL C 31 -16.36 -9.57 -3.99
CA VAL C 31 -15.36 -10.59 -4.34
C VAL C 31 -15.91 -12.01 -4.38
N THR C 32 -17.08 -12.24 -3.78
CA THR C 32 -17.74 -13.57 -3.83
C THR C 32 -18.54 -13.74 -5.10
N ASP C 33 -18.72 -12.69 -5.90
CA ASP C 33 -19.46 -12.84 -7.17
C ASP C 33 -18.68 -13.74 -8.12
N ALA C 34 -19.44 -14.52 -8.85
CA ALA C 34 -18.89 -15.47 -9.78
C ALA C 34 -18.51 -14.75 -11.06
N VAL C 35 -17.37 -15.10 -11.66
CA VAL C 35 -16.94 -14.54 -12.97
C VAL C 35 -16.62 -15.60 -13.99
N THR C 36 -16.73 -15.23 -15.28
CA THR C 36 -16.48 -16.14 -16.40
C THR C 36 -15.14 -15.82 -16.99
N GLN C 37 -14.54 -16.78 -17.71
CA GLN C 37 -13.29 -16.58 -18.45
C GLN C 37 -13.43 -15.40 -19.42
N ASN C 38 -14.56 -15.34 -20.07
CA ASN C 38 -14.89 -14.26 -20.98
C ASN C 38 -14.72 -12.89 -20.32
N GLU C 39 -15.24 -12.78 -19.11
CA GLU C 39 -15.03 -11.57 -18.28
C GLU C 39 -13.57 -11.35 -17.93
N LEU C 40 -12.86 -12.39 -17.56
CA LEU C 40 -11.42 -12.24 -17.28
C LEU C 40 -10.62 -11.83 -18.53
N ASN C 41 -11.07 -12.28 -19.71
CA ASN C 41 -10.42 -11.92 -20.95
C ASN C 41 -10.47 -10.42 -21.18
N SER C 42 -11.41 -9.72 -20.53
CA SER C 42 -11.59 -8.31 -20.78
C SER C 42 -10.59 -7.47 -20.01
N ILE C 43 -9.86 -8.04 -19.06
CA ILE C 43 -8.96 -7.24 -18.24
C ILE C 43 -7.62 -6.99 -18.92
N ASP C 44 -7.30 -5.74 -19.18
CA ASP C 44 -6.06 -5.46 -19.86
C ASP C 44 -5.13 -4.59 -19.07
N GLN C 45 -5.57 -4.04 -17.95
CA GLN C 45 -4.77 -3.08 -17.20
C GLN C 45 -5.12 -3.14 -15.72
N ILE C 46 -4.14 -3.47 -14.87
CA ILE C 46 -4.34 -3.52 -13.41
C ILE C 46 -3.36 -2.62 -12.70
N ILE C 47 -3.88 -1.72 -11.88
CA ILE C 47 -3.05 -0.79 -11.15
C ILE C 47 -3.39 -0.93 -9.70
N ALA C 48 -2.43 -1.40 -8.91
CA ALA C 48 -2.69 -1.62 -7.49
C ALA C 48 -1.41 -1.49 -6.76
N ASN C 49 -0.94 -0.26 -6.71
CA ASN C 49 0.24 0.06 -5.95
C ASN C 49 -0.12 0.21 -4.50
N ASN C 50 0.88 0.13 -3.62
CA ASN C 50 0.69 0.50 -2.24
C ASN C 50 -0.48 -0.21 -1.55
N SER C 51 -0.70 -1.48 -1.87
CA SER C 51 -1.92 -2.17 -1.48
C SER C 51 -1.76 -3.41 -0.61
N ASP C 52 -0.58 -3.67 -0.06
CA ASP C 52 -0.35 -4.85 0.77
C ASP C 52 -0.64 -6.18 0.13
N ILE C 53 -0.45 -6.29 -1.17
CA ILE C 53 -0.74 -7.53 -1.89
C ILE C 53 0.39 -8.50 -1.60
N LYS C 54 0.05 -9.71 -1.17
CA LYS C 54 1.06 -10.74 -0.96
C LYS C 54 1.14 -11.77 -2.08
N SER C 55 0.09 -11.92 -2.89
CA SER C 55 0.09 -12.95 -3.90
C SER C 55 -0.69 -12.49 -5.10
N VAL C 56 -0.12 -12.72 -6.28
CA VAL C 56 -0.83 -12.53 -7.55
C VAL C 56 -1.45 -13.81 -8.15
N GLN C 57 -1.55 -14.86 -7.34
CA GLN C 57 -2.20 -16.10 -7.75
C GLN C 57 -3.57 -15.77 -8.38
N GLY C 58 -3.80 -16.34 -9.55
CA GLY C 58 -5.00 -16.10 -10.33
C GLY C 58 -4.72 -15.25 -11.57
N ILE C 59 -3.66 -14.47 -11.56
CA ILE C 59 -3.34 -13.61 -12.65
C ILE C 59 -3.05 -14.38 -13.92
N GLN C 60 -2.68 -15.65 -13.81
CA GLN C 60 -2.42 -16.47 -14.97
C GLN C 60 -3.64 -16.65 -15.85
N TYR C 61 -4.82 -16.28 -15.36
CA TYR C 61 -6.04 -16.38 -16.15
C TYR C 61 -6.38 -15.10 -16.90
N LEU C 62 -5.47 -14.14 -16.98
CA LEU C 62 -5.74 -12.87 -17.62
C LEU C 62 -4.86 -12.76 -18.87
N PRO C 63 -5.21 -13.50 -19.96
CA PRO C 63 -4.31 -13.55 -21.05
C PRO C 63 -4.11 -12.22 -21.75
N ASN C 64 -5.06 -11.30 -21.64
CA ASN C 64 -4.90 -10.03 -22.34
C ASN C 64 -4.33 -8.92 -21.49
N LEU C 65 -3.76 -9.28 -20.35
CA LEU C 65 -3.15 -8.30 -19.48
C LEU C 65 -1.93 -7.68 -20.17
N LYS C 66 -1.96 -6.36 -20.30
CA LYS C 66 -1.03 -5.54 -21.07
C LYS C 66 -0.20 -4.63 -20.13
N THR C 67 -0.82 -4.13 -19.08
CA THR C 67 -0.21 -3.19 -18.16
C THR C 67 -0.51 -3.67 -16.72
N LEU C 68 0.55 -3.87 -15.93
CA LEU C 68 0.46 -4.36 -14.57
C LEU C 68 1.38 -3.54 -13.70
N LYS C 69 0.81 -2.77 -12.82
CA LYS C 69 1.60 -1.98 -11.90
C LYS C 69 1.26 -2.35 -10.48
N LEU C 70 2.26 -2.87 -9.77
CA LEU C 70 2.10 -3.40 -8.44
C LEU C 70 3.27 -2.96 -7.57
N SER C 71 3.60 -1.67 -7.66
CA SER C 71 4.67 -1.09 -6.85
C SER C 71 4.32 -1.03 -5.36
N ASN C 72 5.27 -1.39 -4.52
CA ASN C 72 5.17 -1.25 -3.08
C ASN C 72 4.07 -2.15 -2.50
N ASN C 73 4.22 -3.45 -2.73
CA ASN C 73 3.40 -4.49 -2.09
C ASN C 73 4.34 -5.48 -1.39
N LYS C 74 3.94 -6.73 -1.20
CA LYS C 74 4.76 -7.76 -0.56
C LYS C 74 4.80 -9.00 -1.40
N ILE C 75 4.99 -8.78 -2.69
CA ILE C 75 5.13 -9.86 -3.64
C ILE C 75 6.55 -10.44 -3.64
N THR C 76 6.60 -11.77 -3.49
CA THR C 76 7.86 -12.53 -3.48
C THR C 76 7.92 -13.52 -4.64
N ASP C 77 6.77 -13.98 -5.11
CA ASP C 77 6.68 -15.08 -6.08
C ASP C 77 5.89 -14.54 -7.25
N ILE C 78 6.50 -14.52 -8.43
CA ILE C 78 5.85 -14.03 -9.61
C ILE C 78 5.70 -15.12 -10.66
N SER C 79 5.75 -16.38 -10.25
CA SER C 79 5.73 -17.45 -11.20
C SER C 79 4.43 -17.48 -12.01
N ALA C 80 3.34 -16.95 -11.46
CA ALA C 80 2.08 -16.94 -12.18
C ALA C 80 2.04 -15.92 -13.34
N LEU C 81 3.07 -15.09 -13.51
CA LEU C 81 3.22 -14.24 -14.72
C LEU C 81 3.80 -14.98 -15.92
N LYS C 82 4.31 -16.18 -15.69
CA LYS C 82 5.14 -16.95 -16.64
C LYS C 82 4.66 -17.07 -18.10
N GLN C 83 3.36 -17.20 -18.30
CA GLN C 83 2.81 -17.38 -19.65
C GLN C 83 1.93 -16.22 -20.12
N LEU C 84 2.04 -15.04 -19.50
CA LEU C 84 1.34 -13.83 -19.96
C LEU C 84 2.07 -13.15 -21.14
N ASN C 85 1.76 -13.65 -22.31
CA ASN C 85 2.40 -13.25 -23.54
C ASN C 85 2.13 -11.87 -24.05
N ASN C 86 1.15 -11.15 -23.50
CA ASN C 86 0.87 -9.78 -23.96
C ASN C 86 1.26 -8.64 -23.03
N LEU C 87 1.92 -8.98 -21.93
CA LEU C 87 2.35 -8.01 -20.95
C LEU C 87 3.41 -7.10 -21.54
N GLY C 88 3.13 -5.80 -21.51
CA GLY C 88 3.97 -4.76 -22.13
C GLY C 88 4.63 -3.84 -21.10
N TRP C 89 3.91 -3.46 -20.05
CA TRP C 89 4.39 -2.59 -19.00
C TRP C 89 4.22 -3.33 -17.66
N LEU C 90 5.32 -3.60 -16.96
CA LEU C 90 5.33 -4.33 -15.71
C LEU C 90 6.15 -3.59 -14.67
N ASP C 91 5.49 -3.20 -13.58
CA ASP C 91 6.14 -2.48 -12.50
C ASP C 91 5.94 -3.28 -11.26
N LEU C 92 7.05 -3.86 -10.77
CA LEU C 92 7.07 -4.66 -9.60
C LEU C 92 8.04 -4.09 -8.60
N SER C 93 8.32 -2.79 -8.70
CA SER C 93 9.28 -2.16 -7.80
C SER C 93 8.82 -2.24 -6.35
N ASN C 94 9.76 -2.10 -5.42
CA ASN C 94 9.52 -2.04 -3.96
C ASN C 94 8.71 -3.31 -3.51
N ASN C 95 9.19 -4.49 -3.88
CA ASN C 95 8.58 -5.73 -3.43
C ASN C 95 9.71 -6.55 -2.77
N GLY C 96 9.55 -7.86 -2.66
CA GLY C 96 10.66 -8.70 -2.13
C GLY C 96 11.10 -9.75 -3.14
N ILE C 97 11.21 -9.35 -4.39
CA ILE C 97 11.43 -10.28 -5.47
C ILE C 97 12.89 -10.58 -5.51
N THR C 98 13.22 -11.87 -5.63
CA THR C 98 14.59 -12.32 -5.78
C THR C 98 14.77 -12.99 -7.15
N ASP C 99 14.07 -14.11 -7.35
CA ASP C 99 14.05 -14.84 -8.61
C ASP C 99 13.12 -14.18 -9.65
N ILE C 100 13.65 -13.87 -10.82
CA ILE C 100 12.84 -13.34 -11.91
C ILE C 100 12.82 -14.23 -13.15
N SER C 101 13.10 -15.52 -13.01
CA SER C 101 13.07 -16.40 -14.18
C SER C 101 11.68 -16.49 -14.80
N ALA C 102 10.63 -16.20 -14.04
CA ALA C 102 9.29 -16.17 -14.62
C ALA C 102 9.13 -15.13 -15.75
N LEU C 103 10.02 -14.14 -15.82
CA LEU C 103 9.97 -13.12 -16.88
C LEU C 103 10.58 -13.58 -18.21
N LYS C 104 11.20 -14.73 -18.21
CA LYS C 104 12.09 -15.16 -19.27
C LYS C 104 11.51 -15.15 -20.67
N ASN C 105 10.25 -15.55 -20.82
CA ASN C 105 9.61 -15.61 -22.15
C ASN C 105 8.62 -14.48 -22.45
N LEU C 106 8.62 -13.41 -21.66
CA LEU C 106 7.69 -12.30 -21.86
C LEU C 106 8.23 -11.36 -22.91
N ALA C 107 8.34 -11.87 -24.14
CA ALA C 107 8.91 -11.15 -25.28
C ALA C 107 8.22 -9.84 -25.60
N SER C 108 6.97 -9.71 -25.20
CA SER C 108 6.17 -8.50 -25.39
C SER C 108 6.61 -7.28 -24.50
N LEU C 109 7.38 -7.54 -23.44
CA LEU C 109 7.72 -6.47 -22.47
C LEU C 109 8.47 -5.34 -23.09
N HIS C 110 7.99 -4.14 -22.87
CA HIS C 110 8.69 -2.93 -23.33
C HIS C 110 9.15 -2.00 -22.20
N THR C 111 8.49 -2.05 -21.04
CA THR C 111 8.76 -1.15 -19.94
C THR C 111 8.74 -2.02 -18.69
N LEU C 112 9.85 -2.06 -17.96
CA LEU C 112 10.01 -2.96 -16.84
C LEU C 112 10.68 -2.24 -15.68
N ASP C 113 10.02 -2.24 -14.53
CA ASP C 113 10.56 -1.57 -13.35
C ASP C 113 10.60 -2.63 -12.30
N LEU C 114 11.81 -3.00 -11.95
CA LEU C 114 12.07 -3.97 -10.93
C LEU C 114 12.90 -3.35 -9.81
N SER C 115 12.85 -2.02 -9.66
CA SER C 115 13.72 -1.37 -8.71
C SER C 115 13.35 -1.72 -7.27
N ASN C 116 14.33 -1.61 -6.38
CA ASN C 116 14.14 -1.85 -4.92
C ASN C 116 13.60 -3.23 -4.55
N ASN C 117 14.30 -4.24 -5.01
CA ASN C 117 13.96 -5.62 -4.71
C ASN C 117 15.26 -6.28 -4.21
N GLY C 118 15.36 -7.61 -4.30
CA GLY C 118 16.59 -8.33 -3.89
C GLY C 118 17.18 -9.15 -5.04
N ILE C 119 17.16 -8.59 -6.22
CA ILE C 119 17.54 -9.31 -7.43
C ILE C 119 19.05 -9.35 -7.55
N THR C 120 19.59 -10.51 -7.88
CA THR C 120 21.02 -10.69 -8.12
C THR C 120 21.29 -11.16 -9.56
N ASP C 121 20.69 -12.27 -9.96
CA ASP C 121 20.84 -12.84 -11.31
C ASP C 121 19.77 -12.24 -12.23
N ILE C 122 20.21 -11.62 -13.32
CA ILE C 122 19.28 -11.06 -14.29
C ILE C 122 19.34 -11.74 -15.65
N SER C 123 19.89 -12.95 -15.73
CA SER C 123 20.00 -13.60 -17.05
C SER C 123 18.64 -13.94 -17.70
N ALA C 124 17.57 -14.00 -16.90
CA ALA C 124 16.23 -14.09 -17.42
C ALA C 124 15.80 -12.88 -18.31
N LEU C 125 16.52 -11.76 -18.26
CA LEU C 125 16.21 -10.64 -19.11
C LEU C 125 16.81 -10.76 -20.49
N LYS C 126 17.69 -11.72 -20.70
CA LYS C 126 18.53 -11.68 -21.90
C LYS C 126 17.82 -11.67 -23.26
N ASN C 127 16.62 -12.28 -23.36
CA ASN C 127 15.93 -12.31 -24.64
C ASN C 127 14.71 -11.42 -24.72
N LEU C 128 14.62 -10.46 -23.82
CA LEU C 128 13.54 -9.47 -23.86
C LEU C 128 13.90 -8.30 -24.78
N ASP C 129 13.93 -8.62 -26.08
CA ASP C 129 14.29 -7.72 -27.16
C ASP C 129 13.56 -6.41 -27.23
N ASN C 130 12.30 -6.39 -26.81
CA ASN C 130 11.47 -5.19 -26.96
C ASN C 130 11.55 -4.22 -25.81
N LEU C 131 12.43 -4.48 -24.83
CA LEU C 131 12.60 -3.53 -23.75
C LEU C 131 13.18 -2.22 -24.24
N HIS C 132 12.47 -1.11 -24.03
CA HIS C 132 13.07 0.20 -24.24
C HIS C 132 13.34 0.96 -22.95
N THR C 133 12.66 0.59 -21.86
CA THR C 133 12.75 1.32 -20.62
C THR C 133 12.89 0.28 -19.53
N LEU C 134 13.99 0.36 -18.78
CA LEU C 134 14.33 -0.64 -17.78
C LEU C 134 14.92 0.03 -16.53
N ASP C 135 14.36 -0.28 -15.37
CA ASP C 135 14.83 0.25 -14.10
C ASP C 135 15.14 -0.91 -13.18
N LEU C 136 16.42 -1.05 -12.87
CA LEU C 136 16.90 -2.15 -12.08
C LEU C 136 17.62 -1.64 -10.85
N SER C 137 17.34 -0.40 -10.45
CA SER C 137 18.07 0.23 -9.37
C SER C 137 17.76 -0.38 -8.00
N ASN C 138 18.72 -0.24 -7.07
CA ASN C 138 18.57 -0.74 -5.70
C ASN C 138 18.29 -2.23 -5.63
N ASN C 139 19.20 -2.98 -6.23
CA ASN C 139 19.18 -4.45 -6.15
C ASN C 139 20.59 -4.90 -5.78
N GLY C 140 20.93 -6.16 -6.02
CA GLY C 140 22.28 -6.68 -5.73
C GLY C 140 22.91 -7.22 -7.00
N ILE C 141 22.75 -6.48 -8.09
CA ILE C 141 23.17 -6.94 -9.40
C ILE C 141 24.67 -6.71 -9.55
N THR C 142 25.39 -7.72 -10.02
CA THR C 142 26.83 -7.58 -10.29
C THR C 142 27.19 -7.85 -11.75
N ASP C 143 26.63 -8.89 -12.35
CA ASP C 143 26.85 -9.20 -13.74
C ASP C 143 25.72 -8.58 -14.55
N ILE C 144 26.04 -7.75 -15.53
CA ILE C 144 25.02 -7.24 -16.43
C ILE C 144 25.15 -7.73 -17.88
N SER C 145 25.84 -8.82 -18.13
CA SER C 145 26.04 -9.27 -19.51
C SER C 145 24.71 -9.68 -20.19
N ALA C 146 23.69 -9.97 -19.39
CA ALA C 146 22.37 -10.23 -19.92
C ALA C 146 21.78 -9.03 -20.64
N LEU C 147 22.31 -7.83 -20.42
CA LEU C 147 21.77 -6.66 -21.10
C LEU C 147 22.30 -6.43 -22.52
N LYS C 148 23.33 -7.19 -22.93
CA LYS C 148 24.15 -6.81 -24.10
C LYS C 148 23.47 -6.81 -25.46
N ASN C 149 22.40 -7.58 -25.62
CA ASN C 149 21.66 -7.59 -26.86
C ASN C 149 20.29 -6.94 -26.77
N LEU C 150 20.05 -6.15 -25.72
CA LEU C 150 18.80 -5.40 -25.60
C LEU C 150 18.94 -4.04 -26.27
N ASP C 151 19.06 -4.05 -27.58
CA ASP C 151 19.48 -2.84 -28.27
C ASP C 151 18.35 -1.86 -28.58
N ASN C 152 17.14 -2.15 -28.11
CA ASN C 152 16.11 -1.13 -28.10
C ASN C 152 16.08 -0.33 -26.82
N LEU C 153 16.98 -0.62 -25.88
CA LEU C 153 16.99 0.17 -24.66
C LEU C 153 17.30 1.63 -24.94
N HIS C 154 16.42 2.55 -24.50
CA HIS C 154 16.74 3.99 -24.48
C HIS C 154 16.86 4.60 -23.09
N THR C 155 16.27 3.96 -22.08
CA THR C 155 16.25 4.50 -20.74
C THR C 155 16.59 3.38 -19.78
N LEU C 156 17.74 3.49 -19.11
CA LEU C 156 18.26 2.42 -18.26
C LEU C 156 18.74 3.00 -16.94
N ASP C 157 18.27 2.44 -15.85
CA ASP C 157 18.72 2.84 -14.53
C ASP C 157 19.27 1.61 -13.82
N LEU C 158 20.56 1.67 -13.54
CA LEU C 158 21.27 0.59 -12.90
C LEU C 158 21.88 1.05 -11.58
N SER C 159 21.44 2.18 -11.08
CA SER C 159 22.06 2.73 -9.90
C SER C 159 21.87 1.83 -8.67
N ASN C 160 22.78 1.99 -7.73
CA ASN C 160 22.76 1.29 -6.44
C ASN C 160 22.75 -0.20 -6.57
N ASN C 161 23.77 -0.73 -7.23
CA ASN C 161 23.97 -2.15 -7.35
C ASN C 161 25.42 -2.43 -7.01
N GLY C 162 25.98 -3.53 -7.48
CA GLY C 162 27.38 -3.88 -7.25
C GLY C 162 28.09 -4.11 -8.57
N ILE C 163 27.77 -3.29 -9.55
CA ILE C 163 28.29 -3.43 -10.89
C ILE C 163 29.73 -2.93 -11.01
N THR C 164 30.60 -3.76 -11.55
CA THR C 164 31.97 -3.41 -11.81
C THR C 164 32.30 -3.32 -13.28
N ASP C 165 31.63 -4.09 -14.13
CA ASP C 165 31.99 -4.18 -15.56
C ASP C 165 30.78 -3.81 -16.39
N ILE C 166 30.96 -2.84 -17.29
CA ILE C 166 29.88 -2.34 -18.10
C ILE C 166 30.11 -2.48 -19.59
N SER C 167 31.06 -3.33 -19.99
CA SER C 167 31.28 -3.58 -21.43
C SER C 167 30.00 -4.10 -22.11
N ALA C 168 29.14 -4.75 -21.33
CA ALA C 168 27.83 -5.12 -21.82
C ALA C 168 26.97 -3.97 -22.43
N LEU C 169 27.25 -2.72 -22.06
CA LEU C 169 26.51 -1.56 -22.58
C LEU C 169 27.02 -1.04 -23.90
N LYS C 170 28.16 -1.55 -24.33
CA LYS C 170 28.93 -0.98 -25.44
C LYS C 170 28.19 -0.78 -26.76
N ASN C 171 27.23 -1.65 -27.06
CA ASN C 171 26.49 -1.59 -28.32
C ASN C 171 25.02 -1.20 -28.14
N LEU C 172 24.67 -0.64 -26.97
CA LEU C 172 23.33 -0.13 -26.74
C LEU C 172 23.23 1.33 -27.19
N THR C 173 23.44 1.51 -28.48
CA THR C 173 23.56 2.85 -29.04
C THR C 173 22.27 3.68 -29.01
N SER C 174 21.12 3.07 -28.77
CA SER C 174 19.90 3.86 -28.62
C SER C 174 19.76 4.48 -27.21
N LEU C 175 20.66 4.19 -26.29
CA LEU C 175 20.56 4.78 -24.94
C LEU C 175 20.65 6.31 -24.92
N HIS C 176 19.64 6.98 -24.35
CA HIS C 176 19.73 8.44 -24.12
C HIS C 176 19.77 8.80 -22.63
N THR C 177 19.35 7.88 -21.79
CA THR C 177 19.20 8.18 -20.38
C THR C 177 19.78 6.97 -19.62
N LEU C 178 20.89 7.22 -18.88
CA LEU C 178 21.60 6.14 -18.22
C LEU C 178 21.99 6.57 -16.83
N ASP C 179 21.57 5.82 -15.82
CA ASP C 179 22.02 6.07 -14.44
C ASP C 179 22.86 4.88 -13.96
N LEU C 180 24.14 5.14 -13.71
CA LEU C 180 25.09 4.13 -13.25
C LEU C 180 25.63 4.48 -11.87
N SER C 181 25.04 5.46 -11.21
CA SER C 181 25.55 5.92 -9.92
C SER C 181 25.52 4.86 -8.83
N ASN C 182 26.44 4.98 -7.88
CA ASN C 182 26.54 4.05 -6.75
C ASN C 182 26.75 2.62 -7.15
N ASN C 183 27.85 2.39 -7.86
CA ASN C 183 28.27 1.07 -8.20
C ASN C 183 29.76 1.00 -7.94
N GLY C 184 30.45 0.02 -8.51
CA GLY C 184 31.90 -0.12 -8.36
C GLY C 184 32.62 -0.02 -9.67
N ILE C 185 32.14 0.84 -10.56
CA ILE C 185 32.70 0.99 -11.90
C ILE C 185 33.99 1.77 -11.88
N THR C 186 35.00 1.27 -12.61
CA THR C 186 36.29 1.96 -12.77
C THR C 186 36.61 2.35 -14.23
N ASP C 187 36.13 1.58 -15.21
CA ASP C 187 36.44 1.79 -16.64
C ASP C 187 35.14 2.05 -17.37
N ILE C 188 35.06 3.21 -18.03
CA ILE C 188 33.88 3.60 -18.78
C ILE C 188 34.13 3.68 -20.28
N SER C 189 35.20 3.07 -20.78
CA SER C 189 35.46 3.11 -22.23
C SER C 189 34.23 2.58 -23.02
N ALA C 190 33.47 1.65 -22.45
CA ALA C 190 32.25 1.14 -23.05
C ALA C 190 31.18 2.19 -23.40
N LEU C 191 31.22 3.34 -22.76
CA LEU C 191 30.34 4.45 -23.10
C LEU C 191 30.76 5.30 -24.33
N LYS C 192 31.99 5.08 -24.85
CA LYS C 192 32.58 5.86 -25.97
C LYS C 192 31.65 6.00 -27.15
N ASN C 193 30.98 4.90 -27.51
CA ASN C 193 30.18 4.88 -28.71
C ASN C 193 28.68 5.11 -28.48
N LEU C 194 28.28 5.60 -27.31
CA LEU C 194 26.87 5.90 -27.06
C LEU C 194 26.52 7.34 -27.40
N ASP C 195 26.45 7.61 -28.69
CA ASP C 195 26.39 8.97 -29.22
C ASP C 195 25.09 9.69 -28.85
N ASN C 196 24.05 8.96 -28.49
CA ASN C 196 22.76 9.56 -28.19
C ASN C 196 22.49 9.87 -26.72
N LEU C 197 23.48 9.68 -25.85
CA LEU C 197 23.29 9.96 -24.42
C LEU C 197 23.10 11.44 -24.15
N GLU C 198 22.02 11.78 -23.46
CA GLU C 198 21.76 13.15 -22.99
C GLU C 198 21.90 13.25 -21.49
N THR C 199 21.39 12.26 -20.78
CA THR C 199 21.42 12.28 -19.33
C THR C 199 22.22 11.07 -18.78
N LEU C 200 23.31 11.37 -18.09
CA LEU C 200 24.21 10.35 -17.58
C LEU C 200 24.54 10.68 -16.13
N ASP C 201 24.50 9.69 -15.26
CA ASP C 201 24.95 9.86 -13.88
C ASP C 201 25.96 8.77 -13.55
N LEU C 202 27.18 9.20 -13.26
CA LEU C 202 28.31 8.30 -12.91
C LEU C 202 28.81 8.50 -11.48
N ARG C 203 28.14 9.35 -10.69
CA ARG C 203 28.59 9.62 -9.32
C ARG C 203 28.69 8.38 -8.40
N ASN C 204 29.62 8.44 -7.47
CA ASN C 204 29.88 7.38 -6.48
C ASN C 204 30.25 6.05 -7.15
N ASN C 205 31.26 6.13 -8.03
CA ASN C 205 31.95 4.97 -8.53
C ASN C 205 33.44 5.18 -8.25
N GLY C 206 34.30 4.37 -8.85
CA GLY C 206 35.76 4.53 -8.68
C GLY C 206 36.47 4.83 -9.99
N ILE C 207 36.00 5.86 -10.70
CA ILE C 207 36.50 6.22 -12.05
C ILE C 207 37.59 7.32 -12.08
N THR C 208 38.68 7.03 -12.77
CA THR C 208 39.80 7.93 -12.91
C THR C 208 39.73 8.62 -14.28
N ASP C 209 39.62 7.77 -15.32
CA ASP C 209 39.71 8.21 -16.74
C ASP C 209 38.33 8.52 -17.32
N LYS C 210 38.08 9.80 -17.59
CA LYS C 210 36.80 10.25 -18.16
C LYS C 210 36.80 10.68 -19.64
N SER C 211 37.89 10.45 -20.37
CA SER C 211 38.02 10.96 -21.73
C SER C 211 36.96 10.38 -22.69
N ALA C 212 36.31 9.27 -22.33
CA ALA C 212 35.21 8.74 -23.15
C ALA C 212 34.00 9.71 -23.32
N LEU C 213 33.73 10.51 -22.28
CA LEU C 213 32.66 11.53 -22.27
C LEU C 213 32.91 12.78 -23.10
N LYS C 214 34.17 13.01 -23.49
CA LYS C 214 34.52 14.21 -24.24
C LYS C 214 33.76 14.37 -25.53
N ASN C 215 33.57 13.28 -26.28
CA ASN C 215 32.95 13.38 -27.62
C ASN C 215 31.49 12.93 -27.72
N LEU C 216 30.85 12.80 -26.57
CA LEU C 216 29.41 12.61 -26.55
C LEU C 216 28.71 13.97 -26.60
N ASN C 217 28.19 14.29 -27.79
CA ASN C 217 27.75 15.65 -28.10
C ASN C 217 26.41 16.10 -27.48
N ASN C 218 25.48 15.16 -27.30
CA ASN C 218 24.13 15.43 -26.86
C ASN C 218 23.97 15.46 -25.32
N LEU C 219 25.03 15.11 -24.60
CA LEU C 219 25.10 15.31 -23.15
C LEU C 219 24.77 16.71 -22.63
N LYS C 220 24.12 16.73 -21.46
CA LYS C 220 23.76 17.97 -20.72
C LYS C 220 24.73 18.24 -19.55
N GLU D 1 9.17 -26.58 10.95
CA GLU D 1 8.67 -26.13 12.29
C GLU D 1 7.29 -25.45 12.27
N THR D 2 6.27 -26.19 12.71
CA THR D 2 4.88 -25.70 12.74
C THR D 2 4.15 -26.06 14.01
N ILE D 3 3.16 -25.26 14.42
CA ILE D 3 2.16 -25.73 15.37
C ILE D 3 0.95 -26.38 14.65
N THR D 4 0.35 -27.39 15.27
CA THR D 4 -0.72 -28.16 14.64
C THR D 4 -2.06 -28.03 15.35
N VAL D 5 -2.08 -27.32 16.47
CA VAL D 5 -3.31 -27.01 17.18
C VAL D 5 -3.26 -25.53 17.49
N SER D 6 -4.41 -24.87 17.54
CA SER D 6 -4.42 -23.45 17.91
C SER D 6 -3.94 -23.39 19.37
N THR D 7 -3.04 -22.45 19.62
CA THR D 7 -2.23 -22.44 20.83
C THR D 7 -2.13 -21.00 21.33
N PRO D 8 -2.33 -20.75 22.64
CA PRO D 8 -2.11 -19.42 23.16
C PRO D 8 -0.74 -18.88 22.77
N ILE D 9 -0.72 -17.62 22.38
CA ILE D 9 0.50 -16.94 21.98
C ILE D 9 1.58 -17.03 23.04
N LYS D 10 1.15 -16.80 24.27
CA LYS D 10 2.04 -16.82 25.41
C LYS D 10 2.70 -18.17 25.62
N GLN D 11 2.04 -19.22 25.19
CA GLN D 11 2.60 -20.55 25.31
C GLN D 11 3.66 -20.83 24.21
N ILE D 12 3.48 -20.28 23.02
CA ILE D 12 4.49 -20.43 21.95
C ILE D 12 5.67 -19.50 22.17
N PHE D 13 5.34 -18.29 22.61
CA PHE D 13 6.33 -17.20 22.81
C PHE D 13 6.40 -16.81 24.29
N PRO D 14 7.27 -17.45 25.09
CA PRO D 14 7.08 -17.33 26.55
C PRO D 14 7.56 -16.01 27.13
N ASP D 15 8.40 -15.27 26.40
CA ASP D 15 8.88 -13.98 26.85
C ASP D 15 7.74 -12.94 26.86
N ASP D 16 7.54 -12.25 27.97
CA ASP D 16 6.39 -11.35 28.12
C ASP D 16 6.34 -10.34 26.97
N ALA D 17 7.47 -9.67 26.76
CA ALA D 17 7.52 -8.60 25.79
C ALA D 17 7.45 -9.12 24.38
N PHE D 18 8.10 -10.24 24.11
CA PHE D 18 8.04 -10.78 22.74
C PHE D 18 6.64 -11.27 22.40
N ALA D 19 5.96 -11.92 23.36
CA ALA D 19 4.57 -12.25 23.13
C ALA D 19 3.69 -11.02 22.79
N GLU D 20 3.90 -9.91 23.47
CA GLU D 20 3.09 -8.70 23.20
C GLU D 20 3.27 -8.23 21.76
N THR D 21 4.48 -8.40 21.22
CA THR D 21 4.72 -7.92 19.86
C THR D 21 4.02 -8.83 18.87
N ILE D 22 3.98 -10.11 19.15
CA ILE D 22 3.30 -11.00 18.28
C ILE D 22 1.81 -10.69 18.32
N LYS D 23 1.29 -10.53 19.52
CA LYS D 23 -0.11 -10.21 19.69
C LYS D 23 -0.48 -8.99 18.83
N ALA D 24 0.34 -7.94 18.95
CA ALA D 24 0.07 -6.71 18.21
C ALA D 24 0.18 -6.92 16.70
N ASN D 25 1.15 -7.69 16.27
CA ASN D 25 1.33 -7.95 14.87
C ASN D 25 0.08 -8.62 14.26
N LEU D 26 -0.53 -9.52 15.03
CA LEU D 26 -1.67 -10.33 14.59
C LEU D 26 -3.01 -9.67 14.93
N LYS D 27 -2.94 -8.50 15.56
CA LYS D 27 -4.10 -7.76 16.00
C LYS D 27 -4.97 -8.61 16.88
N LYS D 28 -4.38 -9.34 17.81
CA LYS D 28 -5.16 -10.10 18.79
C LYS D 28 -5.39 -9.31 20.03
N LYS D 29 -6.45 -9.66 20.75
CA LYS D 29 -6.83 -8.93 21.94
C LYS D 29 -5.91 -9.16 23.16
N SER D 30 -5.29 -10.32 23.25
CA SER D 30 -4.55 -10.68 24.43
C SER D 30 -3.47 -11.74 24.10
N VAL D 31 -2.39 -11.76 24.86
CA VAL D 31 -1.37 -12.81 24.70
C VAL D 31 -1.91 -14.22 25.03
N THR D 32 -3.05 -14.32 25.70
CA THR D 32 -3.69 -15.62 25.96
C THR D 32 -4.58 -16.10 24.81
N ASP D 33 -4.83 -15.26 23.80
CA ASP D 33 -5.60 -15.71 22.64
C ASP D 33 -4.84 -16.78 21.88
N ALA D 34 -5.60 -17.74 21.37
CA ALA D 34 -5.09 -18.90 20.65
C ALA D 34 -4.81 -18.49 19.21
N VAL D 35 -3.69 -18.92 18.65
CA VAL D 35 -3.33 -18.63 17.24
C VAL D 35 -3.03 -19.91 16.49
N THR D 36 -3.20 -19.84 15.16
CA THR D 36 -2.96 -20.96 14.27
C THR D 36 -1.67 -20.71 13.54
N GLN D 37 -1.08 -21.77 12.97
CA GLN D 37 0.11 -21.64 12.12
C GLN D 37 -0.17 -20.72 10.94
N ASN D 38 -1.34 -20.87 10.35
CA ASN D 38 -1.77 -19.98 9.29
C ASN D 38 -1.62 -18.50 9.63
N GLU D 39 -2.08 -18.15 10.82
CA GLU D 39 -1.88 -16.79 11.34
C GLU D 39 -0.41 -16.43 11.53
N LEU D 40 0.39 -17.35 12.05
CA LEU D 40 1.83 -17.07 12.17
C LEU D 40 2.49 -16.87 10.84
N ASN D 41 2.00 -17.58 9.83
CA ASN D 41 2.56 -17.47 8.49
C ASN D 41 2.40 -16.05 7.95
N SER D 42 1.47 -15.27 8.48
CA SER D 42 1.22 -13.91 7.98
C SER D 42 2.25 -12.86 8.47
N ILE D 43 3.10 -13.22 9.43
CA ILE D 43 4.04 -12.25 9.99
C ILE D 43 5.30 -12.11 9.19
N ASP D 44 5.58 -10.92 8.67
CA ASP D 44 6.78 -10.75 7.85
C ASP D 44 7.75 -9.68 8.38
N GLN D 45 7.35 -8.94 9.41
CA GLN D 45 8.19 -7.85 9.91
C GLN D 45 7.93 -7.67 11.42
N ILE D 46 8.97 -7.77 12.23
CA ILE D 46 8.84 -7.51 13.68
C ILE D 46 9.85 -6.45 14.10
N ILE D 47 9.37 -5.40 14.74
CA ILE D 47 10.24 -4.34 15.26
C ILE D 47 9.92 -4.15 16.74
N ALA D 48 10.89 -4.47 17.59
CA ALA D 48 10.69 -4.40 19.01
C ALA D 48 11.97 -4.08 19.70
N ASN D 49 12.39 -2.84 19.54
CA ASN D 49 13.64 -2.37 20.11
C ASN D 49 13.40 -1.96 21.53
N ASN D 50 14.46 -1.89 22.33
CA ASN D 50 14.37 -1.28 23.69
C ASN D 50 13.34 -1.89 24.64
N SER D 51 13.09 -3.18 24.52
CA SER D 51 11.88 -3.77 25.10
C SER D 51 12.12 -4.82 26.19
N ASP D 52 13.33 -4.96 26.69
CA ASP D 52 13.67 -5.99 27.70
C ASP D 52 13.36 -7.43 27.27
N ILE D 53 13.41 -7.73 25.97
CA ILE D 53 13.14 -9.07 25.49
C ILE D 53 14.33 -9.95 25.88
N LYS D 54 14.05 -11.04 26.59
CA LYS D 54 15.11 -11.97 26.96
C LYS D 54 15.20 -13.19 26.05
N SER D 55 14.12 -13.53 25.33
CA SER D 55 14.11 -14.76 24.55
C SER D 55 13.23 -14.60 23.35
N VAL D 56 13.74 -15.06 22.22
CA VAL D 56 12.99 -15.13 20.99
C VAL D 56 12.43 -16.53 20.70
N GLN D 57 12.37 -17.37 21.73
CA GLN D 57 11.74 -18.68 21.62
C GLN D 57 10.33 -18.51 21.03
N GLY D 58 10.06 -19.30 20.00
CA GLY D 58 8.78 -19.25 19.29
C GLY D 58 8.94 -18.65 17.93
N ILE D 59 9.98 -17.84 17.73
CA ILE D 59 10.24 -17.22 16.44
C ILE D 59 10.47 -18.23 15.30
N GLN D 60 10.89 -19.46 15.65
CA GLN D 60 11.12 -20.48 14.64
C GLN D 60 9.87 -20.87 13.87
N TYR D 61 8.72 -20.45 14.35
CA TYR D 61 7.47 -20.76 13.70
C TYR D 61 7.01 -19.65 12.74
N LEU D 62 7.88 -18.70 12.42
CA LEU D 62 7.52 -17.58 11.57
C LEU D 62 8.31 -17.68 10.26
N PRO D 63 7.94 -18.61 9.38
CA PRO D 63 8.76 -18.84 8.20
C PRO D 63 8.83 -17.67 7.23
N ASN D 64 7.85 -16.80 7.22
CA ASN D 64 7.90 -15.69 6.27
C ASN D 64 8.47 -14.39 6.86
N LEU D 65 9.13 -14.49 8.00
CA LEU D 65 9.80 -13.34 8.61
C LEU D 65 10.96 -12.83 7.73
N LYS D 66 10.89 -11.56 7.36
CA LYS D 66 11.78 -10.89 6.39
C LYS D 66 12.64 -9.80 7.05
N THR D 67 12.05 -9.10 8.01
CA THR D 67 12.71 -8.01 8.71
C THR D 67 12.51 -8.22 10.22
N LEU D 68 13.62 -8.25 10.94
CA LEU D 68 13.60 -8.43 12.37
C LEU D 68 14.54 -7.43 13.01
N LYS D 69 14.00 -6.54 13.84
CA LYS D 69 14.82 -5.54 14.53
C LYS D 69 14.56 -5.60 16.01
N LEU D 70 15.59 -6.00 16.75
CA LEU D 70 15.49 -6.23 18.16
C LEU D 70 16.63 -5.58 18.92
N SER D 71 16.92 -4.33 18.59
CA SER D 71 18.04 -3.62 19.17
C SER D 71 17.74 -3.30 20.63
N ASN D 72 18.76 -3.48 21.47
CA ASN D 72 18.75 -3.06 22.88
C ASN D 72 17.74 -3.82 23.72
N ASN D 73 17.90 -5.13 23.70
CA ASN D 73 17.14 -6.04 24.56
C ASN D 73 18.11 -6.83 25.43
N LYS D 74 17.76 -8.04 25.87
CA LYS D 74 18.66 -8.89 26.61
C LYS D 74 18.77 -10.28 26.02
N ILE D 75 18.89 -10.32 24.71
CA ILE D 75 18.98 -11.56 23.99
C ILE D 75 20.42 -12.13 24.07
N THR D 76 20.50 -13.40 24.45
CA THR D 76 21.75 -14.15 24.51
C THR D 76 21.80 -15.37 23.57
N ASP D 77 20.66 -15.97 23.26
CA ASP D 77 20.64 -17.21 22.49
C ASP D 77 19.77 -16.91 21.27
N ILE D 78 20.33 -17.10 20.07
CA ILE D 78 19.54 -16.88 18.84
C ILE D 78 19.37 -18.15 18.01
N SER D 79 19.51 -19.30 18.64
CA SER D 79 19.51 -20.55 17.88
C SER D 79 18.16 -20.76 17.20
N ALA D 80 17.09 -20.14 17.72
CA ALA D 80 15.79 -20.27 17.10
C ALA D 80 15.63 -19.51 15.77
N LEU D 81 16.60 -18.70 15.37
CA LEU D 81 16.66 -18.08 14.02
C LEU D 81 17.19 -19.02 12.94
N LYS D 82 17.74 -20.14 13.35
CA LYS D 82 18.53 -21.05 12.51
C LYS D 82 17.96 -21.42 11.12
N GLN D 83 16.65 -21.65 11.04
CA GLN D 83 16.04 -22.09 9.79
C GLN D 83 15.08 -21.07 9.18
N LEU D 84 15.22 -19.80 9.56
CA LEU D 84 14.46 -18.73 8.93
C LEU D 84 15.11 -18.26 7.61
N ASN D 85 14.75 -18.96 6.56
CA ASN D 85 15.31 -18.78 5.24
C ASN D 85 14.98 -17.53 4.48
N ASN D 86 13.98 -16.77 4.95
CA ASN D 86 13.62 -15.51 4.27
C ASN D 86 14.04 -14.21 4.95
N LEU D 87 14.82 -14.29 6.05
CA LEU D 87 15.33 -13.09 6.70
C LEU D 87 16.26 -12.31 5.80
N GLY D 88 15.96 -11.02 5.60
CA GLY D 88 16.77 -10.13 4.77
C GLY D 88 17.45 -9.05 5.58
N TRP D 89 16.77 -8.56 6.60
CA TRP D 89 17.27 -7.50 7.44
C TRP D 89 17.20 -8.02 8.88
N LEU D 90 18.35 -8.08 9.56
CA LEU D 90 18.43 -8.52 10.95
C LEU D 90 19.26 -7.54 11.79
N ASP D 91 18.65 -6.96 12.82
CA ASP D 91 19.31 -6.04 13.72
C ASP D 91 19.17 -6.62 15.12
N LEU D 92 20.30 -7.09 15.65
CA LEU D 92 20.38 -7.64 16.96
C LEU D 92 21.38 -6.85 17.77
N SER D 93 21.63 -5.59 17.38
CA SER D 93 22.59 -4.80 18.08
C SER D 93 22.20 -4.57 19.54
N ASN D 94 23.18 -4.27 20.38
CA ASN D 94 22.99 -3.98 21.80
C ASN D 94 22.27 -5.10 22.56
N ASN D 95 22.77 -6.32 22.44
CA ASN D 95 22.23 -7.45 23.20
C ASN D 95 23.41 -8.10 23.92
N GLY D 96 23.29 -9.37 24.26
CA GLY D 96 24.40 -10.13 24.86
C GLY D 96 24.75 -11.38 24.05
N ILE D 97 24.79 -11.22 22.74
CA ILE D 97 25.01 -12.32 21.84
C ILE D 97 26.48 -12.65 21.75
N THR D 98 26.82 -13.93 21.85
CA THR D 98 28.23 -14.40 21.77
C THR D 98 28.39 -15.30 20.55
N ASP D 99 27.74 -16.46 20.60
CA ASP D 99 27.71 -17.41 19.49
C ASP D 99 26.74 -16.95 18.39
N ILE D 100 27.21 -16.86 17.17
CA ILE D 100 26.33 -16.55 16.03
C ILE D 100 26.28 -17.65 14.96
N SER D 101 26.62 -18.89 15.32
CA SER D 101 26.55 -19.98 14.34
C SER D 101 25.13 -20.22 13.82
N ALA D 102 24.10 -19.76 14.54
CA ALA D 102 22.73 -19.84 14.05
C ALA D 102 22.48 -19.03 12.78
N LEU D 103 23.35 -18.05 12.48
CA LEU D 103 23.21 -17.27 11.25
C LEU D 103 23.76 -17.95 9.98
N LYS D 104 24.41 -19.08 10.17
CA LYS D 104 25.29 -19.68 9.15
C LYS D 104 24.65 -19.93 7.80
N ASN D 105 23.38 -20.33 7.79
CA ASN D 105 22.67 -20.67 6.53
C ASN D 105 21.63 -19.64 6.08
N LEU D 106 21.63 -18.46 6.69
CA LEU D 106 20.63 -17.43 6.35
C LEU D 106 21.11 -16.69 5.12
N ALA D 107 21.19 -17.43 4.01
CA ALA D 107 21.74 -16.92 2.74
C ALA D 107 21.01 -15.68 2.21
N SER D 108 19.77 -15.52 2.59
CA SER D 108 18.93 -14.40 2.22
C SER D 108 19.38 -13.03 2.84
N LEU D 109 20.19 -13.05 3.90
CA LEU D 109 20.58 -11.82 4.63
C LEU D 109 21.33 -10.80 3.77
N HIS D 110 20.83 -9.56 3.78
CA HIS D 110 21.49 -8.50 3.02
C HIS D 110 21.96 -7.39 3.93
N THR D 111 21.32 -7.26 5.08
CA THR D 111 21.62 -6.18 6.00
C THR D 111 21.68 -6.79 7.40
N LEU D 112 22.80 -6.64 8.09
CA LEU D 112 23.03 -7.32 9.37
C LEU D 112 23.74 -6.36 10.34
N ASP D 113 23.10 -6.11 11.47
CA ASP D 113 23.66 -5.26 12.50
C ASP D 113 23.76 -6.07 13.75
N LEU D 114 25.00 -6.36 14.12
CA LEU D 114 25.30 -7.12 15.30
C LEU D 114 26.15 -6.30 16.24
N SER D 115 26.11 -4.98 16.12
CA SER D 115 26.98 -4.16 16.91
C SER D 115 26.65 -4.27 18.39
N ASN D 116 27.66 -4.00 19.23
CA ASN D 116 27.50 -3.95 20.68
C ASN D 116 26.97 -5.24 21.25
N ASN D 117 27.69 -6.32 21.00
CA ASN D 117 27.43 -7.61 21.60
C ASN D 117 28.75 -8.15 22.17
N GLY D 118 28.88 -9.47 22.34
CA GLY D 118 30.12 -10.10 22.84
C GLY D 118 30.67 -11.12 21.83
N ILE D 119 30.63 -10.75 20.57
CA ILE D 119 31.00 -11.66 19.50
C ILE D 119 32.48 -11.69 19.33
N THR D 120 33.02 -12.90 19.20
CA THR D 120 34.45 -13.12 18.98
C THR D 120 34.68 -13.83 17.65
N ASP D 121 34.09 -14.99 17.47
CA ASP D 121 34.24 -15.78 16.26
C ASP D 121 33.16 -15.33 15.30
N ILE D 122 33.55 -14.91 14.10
CA ILE D 122 32.58 -14.61 13.06
C ILE D 122 32.59 -15.54 11.85
N SER D 123 33.16 -16.75 11.96
CA SER D 123 33.25 -17.62 10.78
C SER D 123 31.89 -18.08 10.24
N ALA D 124 30.85 -17.99 11.06
CA ALA D 124 29.50 -18.21 10.61
C ALA D 124 29.03 -17.21 9.52
N LEU D 125 29.71 -16.08 9.36
CA LEU D 125 29.35 -15.14 8.32
C LEU D 125 29.90 -15.52 6.97
N LYS D 126 30.79 -16.49 6.88
CA LYS D 126 31.61 -16.64 5.69
C LYS D 126 30.87 -16.91 4.39
N ASN D 127 29.68 -17.54 4.45
CA ASN D 127 28.91 -17.84 3.23
C ASN D 127 27.68 -16.99 3.03
N LEU D 128 27.59 -15.87 3.72
CA LEU D 128 26.45 -14.93 3.56
C LEU D 128 26.73 -13.95 2.44
N ASP D 129 26.70 -14.49 1.23
CA ASP D 129 27.07 -13.83 -0.02
C ASP D 129 26.33 -12.56 -0.30
N ASN D 130 25.08 -12.48 0.15
CA ASN D 130 24.22 -11.34 -0.22
C ASN D 130 24.33 -10.18 0.75
N LEU D 131 25.24 -10.24 1.72
CA LEU D 131 25.44 -9.08 2.60
C LEU D 131 26.00 -7.90 1.85
N HIS D 132 25.28 -6.78 1.88
CA HIS D 132 25.85 -5.52 1.41
C HIS D 132 26.09 -4.50 2.53
N THR D 133 25.41 -4.67 3.66
CA THR D 133 25.52 -3.73 4.75
C THR D 133 25.73 -4.55 6.04
N LEU D 134 26.86 -4.34 6.71
CA LEU D 134 27.28 -5.14 7.87
C LEU D 134 27.92 -4.26 8.94
N ASP D 135 27.40 -4.35 10.15
CA ASP D 135 27.89 -3.56 11.28
C ASP D 135 28.25 -4.56 12.38
N LEU D 136 29.54 -4.61 12.68
CA LEU D 136 30.07 -5.54 13.66
C LEU D 136 30.82 -4.79 14.75
N SER D 137 30.53 -3.49 14.91
CA SER D 137 31.28 -2.65 15.82
C SER D 137 31.02 -3.04 17.28
N ASN D 138 31.95 -2.65 18.15
CA ASN D 138 31.85 -2.90 19.56
C ASN D 138 31.60 -4.38 19.91
N ASN D 139 32.52 -5.24 19.45
CA ASN D 139 32.55 -6.66 19.81
C ASN D 139 33.98 -7.03 20.23
N GLY D 140 34.32 -8.31 20.24
CA GLY D 140 35.69 -8.74 20.59
C GLY D 140 36.30 -9.50 19.42
N ILE D 141 36.09 -8.97 18.20
CA ILE D 141 36.50 -9.63 16.97
C ILE D 141 37.98 -9.42 16.76
N THR D 142 38.70 -10.48 16.46
CA THR D 142 40.14 -10.36 16.13
C THR D 142 40.50 -10.91 14.74
N ASP D 143 39.94 -12.03 14.35
CA ASP D 143 40.13 -12.59 13.04
C ASP D 143 38.97 -12.15 12.16
N ILE D 144 39.27 -11.50 11.04
CA ILE D 144 38.20 -11.17 10.09
C ILE D 144 38.29 -11.89 8.75
N SER D 145 38.98 -13.01 8.69
CA SER D 145 39.15 -13.70 7.38
C SER D 145 37.83 -14.27 6.85
N ALA D 146 36.85 -14.43 7.71
CA ALA D 146 35.52 -14.80 7.27
C ALA D 146 34.87 -13.76 6.37
N LEU D 147 35.37 -12.53 6.36
CA LEU D 147 34.79 -11.49 5.49
C LEU D 147 35.29 -11.52 4.06
N LYS D 148 36.33 -12.30 3.77
CA LYS D 148 37.11 -12.10 2.54
C LYS D 148 36.36 -12.34 1.23
N ASN D 149 35.32 -13.18 1.26
CA ASN D 149 34.57 -13.47 0.06
C ASN D 149 33.18 -12.85 0.06
N LEU D 150 32.94 -11.88 0.94
CA LEU D 150 31.68 -11.15 0.96
C LEU D 150 31.83 -9.94 0.06
N ASP D 151 31.95 -10.18 -1.24
CA ASP D 151 32.31 -9.10 -2.15
C ASP D 151 31.11 -8.24 -2.59
N ASN D 152 29.91 -8.48 -2.08
CA ASN D 152 28.88 -7.46 -2.23
C ASN D 152 28.85 -6.46 -1.12
N LEU D 153 29.75 -6.55 -0.15
CA LEU D 153 29.78 -5.53 0.92
C LEU D 153 30.05 -4.14 0.36
N HIS D 154 29.16 -3.19 0.64
CA HIS D 154 29.44 -1.77 0.36
C HIS D 154 29.55 -0.90 1.61
N THR D 155 29.00 -1.35 2.74
CA THR D 155 29.02 -0.58 3.97
C THR D 155 29.42 -1.51 5.09
N LEU D 156 30.56 -1.27 5.69
CA LEU D 156 31.14 -2.16 6.71
C LEU D 156 31.65 -1.34 7.88
N ASP D 157 31.22 -1.70 9.06
CA ASP D 157 31.70 -1.03 10.27
C ASP D 157 32.30 -2.10 11.17
N LEU D 158 33.60 -1.97 11.40
CA LEU D 158 34.34 -2.91 12.25
C LEU D 158 34.96 -2.20 13.46
N SER D 159 34.52 -0.98 13.74
CA SER D 159 35.16 -0.23 14.78
C SER D 159 35.02 -0.87 16.14
N ASN D 160 35.97 -0.53 17.02
CA ASN D 160 35.99 -0.98 18.44
C ASN D 160 35.99 -2.50 18.58
N ASN D 161 37.00 -3.13 17.99
CA ASN D 161 37.22 -4.55 18.13
C ASN D 161 38.71 -4.74 18.48
N GLY D 162 39.28 -5.91 18.20
CA GLY D 162 40.72 -6.16 18.43
C GLY D 162 41.42 -6.59 17.18
N ILE D 163 41.05 -5.97 16.08
CA ILE D 163 41.50 -6.38 14.76
C ILE D 163 42.92 -5.86 14.52
N THR D 164 43.81 -6.77 14.11
CA THR D 164 45.18 -6.41 13.77
C THR D 164 45.48 -6.59 12.28
N ASP D 165 44.80 -7.50 11.59
CA ASP D 165 45.13 -7.82 10.20
C ASP D 165 43.93 -7.68 9.34
N ILE D 166 44.08 -6.89 8.27
CA ILE D 166 42.94 -6.55 7.43
C ILE D 166 43.12 -6.93 5.99
N SER D 167 44.10 -7.80 5.71
CA SER D 167 44.28 -8.29 4.35
C SER D 167 43.02 -8.96 3.82
N ALA D 168 42.20 -9.48 4.71
CA ALA D 168 40.88 -9.97 4.34
C ALA D 168 39.99 -8.97 3.54
N LEU D 169 40.25 -7.67 3.67
CA LEU D 169 39.45 -6.65 3.01
C LEU D 169 39.91 -6.35 1.59
N LYS D 170 41.07 -6.89 1.22
CA LYS D 170 41.81 -6.49 0.03
C LYS D 170 41.03 -6.57 -1.26
N ASN D 171 40.09 -7.49 -1.35
CA ASN D 171 39.30 -7.67 -2.56
C ASN D 171 37.84 -7.32 -2.45
N LEU D 172 37.47 -6.58 -1.39
CA LEU D 172 36.11 -6.07 -1.24
C LEU D 172 35.99 -4.73 -1.96
N THR D 173 36.21 -4.76 -3.26
CA THR D 173 36.29 -3.57 -4.06
C THR D 173 34.96 -2.80 -4.14
N SER D 174 33.84 -3.37 -3.75
CA SER D 174 32.60 -2.59 -3.74
C SER D 174 32.44 -1.75 -2.47
N LEU D 175 33.36 -1.84 -1.52
CA LEU D 175 33.25 -1.00 -0.33
C LEU D 175 33.28 0.49 -0.59
N HIS D 176 32.26 1.20 -0.12
CA HIS D 176 32.24 2.67 -0.13
C HIS D 176 32.32 3.32 1.27
N THR D 177 31.91 2.59 2.29
CA THR D 177 31.85 3.14 3.64
C THR D 177 32.52 2.12 4.53
N LEU D 178 33.60 2.51 5.18
CA LEU D 178 34.37 1.61 6.00
C LEU D 178 34.80 2.29 7.28
N ASP D 179 34.44 1.71 8.40
CA ASP D 179 34.93 2.19 9.69
C ASP D 179 35.81 1.13 10.35
N LEU D 180 37.08 1.46 10.52
CA LEU D 180 38.05 0.58 11.16
C LEU D 180 38.61 1.18 12.45
N SER D 181 38.03 2.27 12.92
CA SER D 181 38.57 2.97 14.10
C SER D 181 38.60 2.08 15.37
N ASN D 182 39.52 2.41 16.27
CA ASN D 182 39.67 1.74 17.57
C ASN D 182 39.91 0.25 17.43
N ASN D 183 40.98 -0.09 16.72
CA ASN D 183 41.44 -1.45 16.60
C ASN D 183 42.93 -1.44 16.83
N GLY D 184 43.62 -2.51 16.42
CA GLY D 184 45.07 -2.59 16.57
C GLY D 184 45.76 -2.72 15.23
N ILE D 185 45.21 -2.05 14.22
CA ILE D 185 45.74 -2.11 12.86
C ILE D 185 47.03 -1.33 12.70
N THR D 186 48.01 -1.93 12.02
CA THR D 186 49.30 -1.32 11.72
C THR D 186 49.62 -1.15 10.23
N ASP D 187 49.14 -2.08 9.41
CA ASP D 187 49.41 -2.08 7.98
C ASP D 187 48.10 -1.96 7.24
N ILE D 188 47.99 -0.93 6.41
CA ILE D 188 46.79 -0.69 5.62
C ILE D 188 47.03 -0.81 4.15
N SER D 189 48.10 -1.47 3.74
CA SER D 189 48.33 -1.64 2.29
C SER D 189 47.13 -2.35 1.61
N ALA D 190 46.43 -3.22 2.33
CA ALA D 190 45.19 -3.84 1.87
C ALA D 190 44.13 -2.89 1.31
N LEU D 191 44.14 -1.63 1.76
CA LEU D 191 43.14 -0.63 1.32
C LEU D 191 43.49 0.06 0.03
N LYS D 192 44.70 -0.20 -0.48
CA LYS D 192 45.18 0.45 -1.71
C LYS D 192 44.23 0.28 -2.90
N ASN D 193 43.66 -0.90 -3.02
CA ASN D 193 42.84 -1.23 -4.16
C ASN D 193 41.35 -1.01 -4.01
N LEU D 194 40.92 -0.31 -2.95
CA LEU D 194 39.52 -0.05 -2.73
C LEU D 194 39.15 1.28 -3.34
N ASP D 195 39.03 1.26 -4.66
CA ASP D 195 38.87 2.46 -5.46
C ASP D 195 37.57 3.20 -5.24
N ASN D 196 36.57 2.52 -4.66
CA ASN D 196 35.26 3.12 -4.45
C ASN D 196 34.98 3.69 -3.07
N LEU D 197 35.99 3.74 -2.20
CA LEU D 197 35.80 4.28 -0.82
C LEU D 197 35.48 5.77 -0.82
N GLU D 198 34.32 6.17 -0.24
CA GLU D 198 33.88 7.58 -0.12
C GLU D 198 34.17 8.08 1.32
N THR D 199 33.90 7.20 2.30
CA THR D 199 34.05 7.44 3.75
C THR D 199 34.92 6.38 4.46
N LEU D 200 36.04 6.81 5.05
CA LEU D 200 36.97 5.92 5.77
C LEU D 200 37.34 6.49 7.10
N ASP D 201 37.36 5.66 8.15
CA ASP D 201 37.82 6.10 9.48
C ASP D 201 38.84 5.09 9.97
N LEU D 202 40.06 5.57 10.18
CA LEU D 202 41.19 4.79 10.68
C LEU D 202 41.72 5.24 12.06
N ARG D 203 41.07 6.21 12.68
CA ARG D 203 41.56 6.75 13.94
C ARG D 203 41.71 5.71 15.05
N ASN D 204 42.67 5.96 15.94
CA ASN D 204 42.96 5.11 17.10
C ASN D 204 43.37 3.68 16.73
N ASN D 205 44.36 3.61 15.85
CA ASN D 205 45.04 2.37 15.53
C ASN D 205 46.51 2.61 15.78
N GLY D 206 47.36 1.70 15.31
CA GLY D 206 48.81 1.89 15.41
C GLY D 206 49.46 1.97 14.05
N ILE D 207 48.97 2.86 13.20
CA ILE D 207 49.48 3.01 11.83
C ILE D 207 50.76 3.90 11.93
N THR D 208 51.93 3.22 11.98
CA THR D 208 53.30 3.84 11.88
C THR D 208 53.62 4.52 10.53
N ASP D 209 53.15 3.94 9.43
CA ASP D 209 53.53 4.39 8.10
C ASP D 209 52.69 5.67 7.92
N LYS D 210 53.29 6.79 8.37
CA LYS D 210 52.69 8.15 8.30
C LYS D 210 52.21 8.38 6.88
N SER D 211 53.16 8.22 5.98
CA SER D 211 53.02 8.67 4.59
C SER D 211 51.93 8.00 3.76
N ALA D 212 51.79 6.69 3.94
CA ALA D 212 50.68 5.95 3.33
C ALA D 212 49.30 6.48 3.77
N LEU D 213 49.21 6.98 5.01
CA LEU D 213 47.98 7.58 5.57
C LEU D 213 47.64 8.99 5.03
N LYS D 214 48.60 9.68 4.41
CA LYS D 214 48.36 11.03 3.89
C LYS D 214 47.28 11.05 2.81
N ASN D 215 47.31 10.06 1.91
CA ASN D 215 46.44 10.01 0.71
C ASN D 215 45.13 9.29 0.95
N LEU D 216 44.82 9.06 2.23
CA LEU D 216 43.48 8.73 2.67
C LEU D 216 42.85 10.02 3.37
N ASN D 217 42.60 11.10 2.60
CA ASN D 217 42.12 12.46 3.03
C ASN D 217 40.65 12.85 2.82
N ASN D 218 40.30 13.79 1.93
CA ASN D 218 38.87 14.13 1.75
C ASN D 218 38.15 12.88 1.26
N LEU D 219 38.85 12.16 0.38
CA LEU D 219 38.41 10.87 -0.24
C LEU D 219 37.48 11.13 -1.49
N LYS D 220 37.56 10.24 -2.49
CA LYS D 220 36.80 10.37 -3.75
C LYS D 220 35.49 9.60 -3.65
#